data_1UUV
#
_entry.id   1UUV
#
_cell.length_a   139.600
_cell.length_b   139.600
_cell.length_c   209.303
_cell.angle_alpha   90.00
_cell.angle_beta   90.00
_cell.angle_gamma   120.00
#
_symmetry.space_group_name_H-M   'H 3 2'
#
loop_
_entity.id
_entity.type
_entity.pdbx_description
1 polymer 'NAPHTHALENE 1,2-DIOXYGENASE ALPHA SUBUNIT'
2 polymer 'NAPHTHALENE 1,2-DIOXYGENASE BETA SUBUNIT'
3 non-polymer 'FE2/S2 (INORGANIC) CLUSTER'
4 non-polymer 1,2-ETHANEDIOL
5 non-polymer INDOLE
6 non-polymer 'NITRIC OXIDE'
7 non-polymer 'FE (III) ION'
8 non-polymer 'SULFATE ION'
9 water water
#
loop_
_entity_poly.entity_id
_entity_poly.type
_entity_poly.pdbx_seq_one_letter_code
_entity_poly.pdbx_strand_id
1 'polypeptide(L)'
;MNYNNKILVSESGLSQKHLIHGDEELFQHELKTIFARNWLFLTHDSLIPAPGDYVTAKMGIDEVIVSRQNDGSIRAFLNV
CRHRGKTLVSVEAGNAKGFVCSYHGWGFGSNGELQSVPFEKDLYGESLNKKCLGLKEVARVESFHGFIYGCFDQEAPPLM
DYLGDAAWYLEPMFKHSGGLELVGPPGKVVIKANWKAPAENFVGDAYHVGWTHASSLRSGESIFSSLAGNAALPPEGAGL
QMTSKYGSGMGVLWDGYSGVHSADLVPELMAFGGAKQERLNKEIGDVRARIYRSHLNCTVFPNNSMLTCSGVFKVWNPID
ANTTEVWTYAIVEKDMPEDLKRRLADSVQRTFGPAGFWESDDNDNMETASQNGKKYQSRDSDLLSNLGFGEDVYGDAVYP
GVVGKSAIGETSYRGFYRAYQAHVSSSNWAEFEHASSTWHTELTKTTDR
;
A
2 'polypeptide(L)'
;MMINIQEDKLVSAHDAEEILRFFNCHDSALQQEATTLLTQEAHLLDIQAYRAWLEHCVGSEVQYQVISRELRAASERRYK
LNEAMNVYNENFQQLKVRVEHQLDPQNWGNSPKLRFTRFITNVQAAMDVNDKELLHIRSNVILHRARRGNQVDVFYAARE
DKWKRGEGGVRKLVQRFVDYPERILQTHNLMVFL
;
B
#
loop_
_chem_comp.id
_chem_comp.type
_chem_comp.name
_chem_comp.formula
EDO non-polymer 1,2-ETHANEDIOL 'C2 H6 O2'
FE non-polymer 'FE (III) ION' 'Fe 3'
FES non-polymer 'FE2/S2 (INORGANIC) CLUSTER' 'Fe2 S2'
IND non-polymer INDOLE 'C8 H7 N'
NO non-polymer 'NITRIC OXIDE' 'N O'
SO4 non-polymer 'SULFATE ION' 'O4 S -2'
#
# COMPACT_ATOMS: atom_id res chain seq x y z
N MET A 1 30.49 5.73 11.78
CA MET A 1 30.52 4.29 11.45
C MET A 1 31.16 4.08 10.07
N ASN A 2 32.17 3.20 9.99
CA ASN A 2 32.83 2.88 8.72
C ASN A 2 32.09 1.78 7.99
N TYR A 3 31.33 2.14 6.95
CA TYR A 3 30.50 1.16 6.26
C TYR A 3 31.32 0.21 5.42
N ASN A 4 32.60 0.48 5.23
CA ASN A 4 33.40 -0.44 4.45
C ASN A 4 33.69 -1.70 5.23
N ASN A 5 33.88 -1.52 6.53
CA ASN A 5 34.32 -2.59 7.43
C ASN A 5 33.28 -3.10 8.42
N LYS A 6 32.32 -2.27 8.80
CA LYS A 6 31.32 -2.68 9.80
C LYS A 6 30.52 -3.87 9.33
N ILE A 7 30.51 -4.93 10.12
CA ILE A 7 29.68 -6.10 9.82
C ILE A 7 28.26 -5.82 10.34
N LEU A 8 27.38 -5.31 9.48
CA LEU A 8 25.98 -5.08 9.86
C LEU A 8 25.18 -6.35 9.62
N VAL A 9 25.59 -7.13 8.62
CA VAL A 9 24.95 -8.39 8.32
C VAL A 9 26.05 -9.41 8.37
N SER A 10 25.84 -10.47 9.16
CA SER A 10 26.85 -11.51 9.31
C SER A 10 26.98 -12.27 7.98
N GLU A 11 27.95 -13.21 7.94
CA GLU A 11 28.19 -14.06 6.76
C GLU A 11 26.96 -14.94 6.53
N SER A 12 26.58 -15.11 5.26
CA SER A 12 25.44 -15.95 4.87
C SER A 12 24.12 -15.33 5.27
N GLY A 13 24.15 -14.09 5.72
CA GLY A 13 22.94 -13.38 6.09
C GLY A 13 22.26 -13.95 7.31
N LEU A 14 23.00 -14.64 8.16
CA LEU A 14 22.44 -15.38 9.30
C LEU A 14 21.86 -14.48 10.39
N SER A 15 22.35 -13.24 10.44
CA SER A 15 21.89 -12.30 11.46
C SER A 15 22.18 -10.90 10.99
N GLN A 16 21.47 -9.93 11.58
CA GLN A 16 21.75 -8.53 11.31
C GLN A 16 21.80 -7.75 12.62
N LYS A 17 22.58 -6.69 12.68
CA LYS A 17 22.58 -5.85 13.87
C LYS A 17 21.26 -5.08 13.96
N HIS A 18 20.66 -5.07 15.16
CA HIS A 18 19.34 -4.46 15.37
C HIS A 18 19.39 -2.96 15.02
N LEU A 19 20.54 -2.32 15.18
CA LEU A 19 20.68 -0.89 14.86
C LEU A 19 20.29 -0.55 13.42
N ILE A 20 20.33 -1.52 12.52
CA ILE A 20 19.99 -1.17 11.14
C ILE A 20 18.55 -0.65 11.00
N HIS A 21 17.68 -0.98 11.94
CA HIS A 21 16.29 -0.50 11.91
C HIS A 21 16.09 0.82 12.62
N GLY A 22 17.13 1.33 13.29
CA GLY A 22 17.02 2.61 14.02
C GLY A 22 18.07 3.68 13.78
N ASP A 23 19.19 3.36 13.16
CA ASP A 23 20.31 4.30 13.07
C ASP A 23 20.11 5.34 11.96
N GLU A 24 20.05 6.62 12.35
CA GLU A 24 19.77 7.65 11.35
C GLU A 24 20.94 7.92 10.43
N GLU A 25 22.18 7.76 10.92
CA GLU A 25 23.34 7.91 10.03
C GLU A 25 23.28 6.84 8.93
N LEU A 26 22.88 5.62 9.30
CA LEU A 26 22.78 4.53 8.31
C LEU A 26 21.68 4.83 7.31
N PHE A 27 20.54 5.34 7.80
CA PHE A 27 19.46 5.74 6.92
C PHE A 27 19.97 6.73 5.85
N GLN A 28 20.70 7.75 6.30
CA GLN A 28 21.29 8.68 5.34
C GLN A 28 22.20 7.97 4.34
N HIS A 29 22.97 7.01 4.82
CA HIS A 29 23.84 6.24 3.95
C HIS A 29 23.06 5.37 2.97
N GLU A 30 21.92 4.83 3.38
CA GLU A 30 21.09 4.02 2.49
C GLU A 30 20.53 4.87 1.36
N LEU A 31 20.29 6.15 1.62
CA LEU A 31 19.82 7.05 0.55
C LEU A 31 20.77 6.99 -0.65
N LYS A 32 22.06 6.97 -0.35
CA LYS A 32 23.10 6.88 -1.38
C LYS A 32 23.29 5.49 -1.96
N THR A 33 23.41 4.51 -1.08
CA THR A 33 23.86 3.20 -1.49
C THR A 33 22.75 2.21 -1.76
N ILE A 34 21.51 2.52 -1.34
CA ILE A 34 20.37 1.67 -1.64
C ILE A 34 19.46 2.42 -2.60
N PHE A 35 18.92 3.56 -2.16
CA PHE A 35 17.88 4.24 -2.94
C PHE A 35 18.34 4.96 -4.20
N ALA A 36 19.54 5.49 -4.20
CA ALA A 36 20.05 6.16 -5.39
C ALA A 36 20.73 5.18 -6.35
N ARG A 37 20.86 3.93 -5.95
CA ARG A 37 21.58 2.88 -6.71
C ARG A 37 20.69 1.84 -7.37
N ASN A 38 19.55 1.55 -6.75
CA ASN A 38 18.70 0.44 -7.20
C ASN A 38 17.39 0.85 -7.91
N TRP A 39 16.63 -0.16 -8.35
CA TRP A 39 15.42 0.07 -9.10
C TRP A 39 14.26 0.25 -8.14
N LEU A 40 13.48 1.28 -8.38
CA LEU A 40 12.36 1.67 -7.49
C LEU A 40 11.06 1.78 -8.24
N PHE A 41 9.99 1.28 -7.63
CA PHE A 41 8.70 1.29 -8.30
C PHE A 41 8.13 2.70 -8.46
N LEU A 42 7.62 3.00 -9.65
CA LEU A 42 7.05 4.31 -9.97
C LEU A 42 5.55 4.25 -10.21
N THR A 43 5.11 3.45 -11.18
CA THR A 43 3.70 3.41 -11.51
C THR A 43 3.46 2.27 -12.48
N HIS A 44 2.23 2.21 -12.97
CA HIS A 44 1.87 1.21 -13.96
C HIS A 44 1.32 1.91 -15.21
N ASP A 45 1.52 1.27 -16.36
CA ASP A 45 0.93 1.77 -17.60
C ASP A 45 -0.54 2.15 -17.45
N SER A 46 -1.30 1.36 -16.70
CA SER A 46 -2.75 1.53 -16.51
C SER A 46 -3.10 2.83 -15.80
N LEU A 47 -2.11 3.44 -15.16
CA LEU A 47 -2.34 4.68 -14.42
C LEU A 47 -1.97 5.91 -15.26
N ILE A 48 -1.07 5.73 -16.23
CA ILE A 48 -0.75 6.82 -17.14
C ILE A 48 -0.80 6.33 -18.61
N PRO A 49 -1.96 5.90 -19.07
CA PRO A 49 -2.00 5.31 -20.41
C PRO A 49 -1.92 6.23 -21.59
N ALA A 50 -2.35 7.47 -21.45
CA ALA A 50 -2.41 8.37 -22.58
C ALA A 50 -1.34 9.45 -22.54
N PRO A 51 -0.93 9.92 -23.71
CA PRO A 51 0.02 11.01 -23.78
C PRO A 51 -0.40 12.17 -22.91
N GLY A 52 0.53 12.64 -22.09
CA GLY A 52 0.27 13.76 -21.20
C GLY A 52 -0.12 13.32 -19.82
N ASP A 53 -0.53 12.07 -19.66
CA ASP A 53 -0.86 11.59 -18.32
C ASP A 53 0.40 11.56 -17.48
N TYR A 54 0.25 11.91 -16.20
CA TYR A 54 1.36 11.86 -15.30
C TYR A 54 0.90 11.50 -13.90
N VAL A 55 1.85 11.07 -13.09
CA VAL A 55 1.64 10.87 -11.65
C VAL A 55 2.87 11.34 -10.94
N THR A 56 2.74 11.63 -9.64
CA THR A 56 3.94 11.82 -8.82
C THR A 56 4.21 10.55 -8.03
N ALA A 57 5.48 10.28 -7.80
CA ALA A 57 5.92 9.10 -7.05
C ALA A 57 7.12 9.49 -6.24
N LYS A 58 7.38 8.75 -5.18
CA LYS A 58 8.62 8.94 -4.45
C LYS A 58 9.67 7.95 -4.99
N MET A 59 10.93 8.35 -4.93
CA MET A 59 12.09 7.50 -5.15
C MET A 59 12.97 7.80 -3.95
N GLY A 60 12.97 6.91 -2.96
CA GLY A 60 13.62 7.20 -1.70
C GLY A 60 12.90 8.37 -1.11
N ILE A 61 13.62 9.41 -0.67
CA ILE A 61 12.95 10.62 -0.15
C ILE A 61 12.69 11.67 -1.23
N ASP A 62 13.15 11.42 -2.45
CA ASP A 62 12.94 12.37 -3.53
C ASP A 62 11.57 12.16 -4.13
N GLU A 63 10.99 13.23 -4.67
CA GLU A 63 9.71 13.11 -5.38
C GLU A 63 9.97 13.35 -6.87
N VAL A 64 9.35 12.54 -7.72
CA VAL A 64 9.50 12.66 -9.16
C VAL A 64 8.14 12.74 -9.85
N ILE A 65 8.15 13.35 -11.03
CA ILE A 65 7.00 13.38 -11.92
C ILE A 65 7.28 12.31 -12.98
N VAL A 66 6.30 11.44 -13.19
CA VAL A 66 6.39 10.33 -14.15
C VAL A 66 5.37 10.60 -15.24
N SER A 67 5.83 10.80 -16.49
CA SER A 67 4.98 11.31 -17.53
C SER A 67 5.03 10.51 -18.82
N ARG A 68 3.85 10.23 -19.35
CA ARG A 68 3.70 9.57 -20.66
C ARG A 68 3.97 10.59 -21.78
N GLN A 69 5.01 10.31 -22.53
CA GLN A 69 5.41 11.13 -23.67
C GLN A 69 4.55 10.88 -24.92
N ASN A 70 4.62 11.81 -25.85
CA ASN A 70 3.84 11.70 -27.08
C ASN A 70 4.19 10.46 -27.92
N ASP A 71 5.45 10.04 -27.88
CA ASP A 71 5.93 8.85 -28.59
C ASP A 71 5.60 7.52 -27.88
N GLY A 72 4.91 7.59 -26.74
CA GLY A 72 4.52 6.39 -26.02
C GLY A 72 5.46 5.95 -24.92
N SER A 73 6.65 6.54 -24.86
CA SER A 73 7.60 6.22 -23.81
C SER A 73 7.18 6.95 -22.52
N ILE A 74 7.89 6.62 -21.44
CA ILE A 74 7.68 7.26 -20.14
C ILE A 74 9.01 7.85 -19.69
N ARG A 75 8.99 9.10 -19.27
CA ARG A 75 10.19 9.70 -18.70
C ARG A 75 9.86 10.19 -17.29
N ALA A 76 10.84 10.27 -16.41
CA ALA A 76 10.58 10.78 -15.03
C ALA A 76 11.60 11.84 -14.65
N PHE A 77 11.14 12.84 -13.91
CA PHE A 77 11.97 13.96 -13.53
C PHE A 77 11.75 14.34 -12.09
N LEU A 78 12.79 14.88 -11.47
CA LEU A 78 12.64 15.41 -10.11
C LEU A 78 11.57 16.48 -10.14
N ASN A 79 10.74 16.49 -9.12
CA ASN A 79 9.63 17.44 -8.98
C ASN A 79 10.11 18.71 -8.30
N VAL A 80 11.09 19.32 -8.95
CA VAL A 80 11.79 20.46 -8.40
C VAL A 80 12.12 21.44 -9.52
N CYS A 81 11.70 22.69 -9.36
CA CYS A 81 11.97 23.73 -10.34
C CYS A 81 13.47 24.05 -10.42
N ARG A 82 13.97 24.23 -11.64
CA ARG A 82 15.40 24.47 -11.92
C ARG A 82 15.86 25.87 -11.59
N HIS A 83 14.91 26.74 -11.31
CA HIS A 83 15.20 28.12 -10.94
C HIS A 83 15.61 28.19 -9.46
N ARG A 84 14.64 28.32 -8.55
CA ARG A 84 14.91 28.45 -7.13
C ARG A 84 14.39 27.23 -6.32
N GLY A 85 14.06 26.14 -7.00
CA GLY A 85 13.84 24.87 -6.29
C GLY A 85 12.51 24.55 -5.61
N LYS A 86 11.48 25.29 -5.97
CA LYS A 86 10.13 25.06 -5.48
C LYS A 86 9.63 23.73 -6.02
N THR A 87 8.75 23.05 -5.28
CA THR A 87 8.13 21.87 -5.83
C THR A 87 7.21 22.26 -6.99
N LEU A 88 7.38 21.62 -8.12
CA LEU A 88 6.65 21.99 -9.33
C LEU A 88 5.16 21.59 -9.35
N VAL A 89 4.91 20.32 -9.04
CA VAL A 89 3.58 19.71 -9.09
C VAL A 89 3.11 19.34 -7.70
N SER A 90 1.92 19.81 -7.37
CA SER A 90 1.33 19.62 -6.05
C SER A 90 0.21 18.58 -6.02
N VAL A 91 -0.10 17.97 -7.16
CA VAL A 91 -1.16 16.97 -7.21
C VAL A 91 -0.53 15.61 -7.40
N GLU A 92 -1.31 14.53 -7.33
CA GLU A 92 -0.79 13.17 -7.41
C GLU A 92 -0.90 12.55 -8.82
N ALA A 93 -1.85 13.08 -9.60
CA ALA A 93 -2.08 12.59 -10.94
C ALA A 93 -2.83 13.62 -11.79
N GLY A 94 -2.69 13.49 -13.10
CA GLY A 94 -3.39 14.38 -14.00
C GLY A 94 -3.00 14.17 -15.44
N ASN A 95 -3.44 15.08 -16.28
CA ASN A 95 -3.06 15.13 -17.69
C ASN A 95 -2.68 16.55 -18.06
N ALA A 96 -1.49 16.72 -18.61
CA ALA A 96 -0.99 18.04 -18.99
C ALA A 96 0.14 17.96 -20.03
N LYS A 97 0.32 19.01 -20.82
CA LYS A 97 1.42 19.06 -21.79
C LYS A 97 2.66 19.69 -21.16
N GLY A 98 2.49 20.27 -19.97
CA GLY A 98 3.61 20.90 -19.29
C GLY A 98 3.22 21.21 -17.88
N PHE A 99 4.20 21.74 -17.13
CA PHE A 99 4.06 22.08 -15.73
C PHE A 99 4.64 23.47 -15.54
N VAL A 100 3.86 24.36 -14.97
CA VAL A 100 4.31 25.72 -14.71
C VAL A 100 4.55 25.97 -13.21
N CYS A 101 5.71 26.55 -12.89
CA CYS A 101 6.09 26.83 -11.51
C CYS A 101 5.28 28.00 -10.95
N SER A 102 4.65 27.81 -9.79
CA SER A 102 3.83 28.84 -9.14
C SER A 102 4.64 29.98 -8.50
N TYR A 103 5.97 29.89 -8.50
CA TYR A 103 6.79 30.92 -7.88
C TYR A 103 7.02 32.06 -8.87
N HIS A 104 7.79 31.78 -9.93
CA HIS A 104 8.06 32.82 -10.95
C HIS A 104 7.56 32.43 -12.33
N GLY A 105 6.84 31.33 -12.43
CA GLY A 105 6.14 31.04 -13.67
C GLY A 105 6.90 30.33 -14.77
N TRP A 106 8.09 29.81 -14.49
CA TRP A 106 8.82 29.02 -15.49
C TRP A 106 7.95 27.82 -15.93
N GLY A 107 7.93 27.55 -17.24
CA GLY A 107 7.12 26.45 -17.75
C GLY A 107 7.96 25.37 -18.38
N PHE A 108 7.77 24.14 -17.93
CA PHE A 108 8.50 22.98 -18.40
C PHE A 108 7.53 22.08 -19.14
N GLY A 109 8.01 21.42 -20.18
CA GLY A 109 7.18 20.48 -20.90
C GLY A 109 7.10 19.14 -20.19
N SER A 110 6.18 18.30 -20.63
CA SER A 110 6.07 16.91 -20.17
C SER A 110 7.37 16.12 -20.45
N ASN A 111 8.21 16.64 -21.34
CA ASN A 111 9.50 16.04 -21.64
C ASN A 111 10.65 16.61 -20.81
N GLY A 112 10.32 17.39 -19.79
CA GLY A 112 11.33 17.95 -18.90
C GLY A 112 11.96 19.25 -19.38
N GLU A 113 11.71 19.65 -20.63
CA GLU A 113 12.45 20.78 -21.18
C GLU A 113 11.92 22.13 -20.67
N LEU A 114 12.82 23.07 -20.43
CA LEU A 114 12.39 24.41 -20.08
C LEU A 114 11.86 25.03 -21.36
N GLN A 115 10.56 25.28 -21.41
CA GLN A 115 9.92 25.77 -22.65
C GLN A 115 9.61 27.25 -22.65
N SER A 116 9.35 27.81 -21.48
CA SER A 116 8.99 29.21 -21.40
C SER A 116 9.40 29.79 -20.08
N VAL A 117 9.79 31.06 -20.15
CA VAL A 117 10.17 31.82 -19.00
C VAL A 117 9.45 33.15 -19.13
N PRO A 118 8.69 33.58 -18.12
CA PRO A 118 7.96 34.84 -18.23
C PRO A 118 8.87 36.01 -18.53
N PHE A 119 8.50 36.69 -19.60
CA PHE A 119 9.21 37.88 -20.02
C PHE A 119 10.66 37.56 -20.37
N GLU A 120 10.93 36.37 -20.91
CA GLU A 120 12.33 35.99 -21.17
C GLU A 120 13.11 37.03 -21.99
N LYS A 121 12.48 37.58 -23.01
CA LYS A 121 13.23 38.50 -23.86
C LYS A 121 13.59 39.80 -23.15
N ASP A 122 12.68 40.31 -22.32
CA ASP A 122 12.87 41.63 -21.73
C ASP A 122 13.86 41.48 -20.56
N LEU A 123 13.85 40.31 -19.91
CA LEU A 123 14.65 40.07 -18.72
C LEU A 123 16.00 39.41 -18.97
N TYR A 124 15.98 38.25 -19.63
CA TYR A 124 17.20 37.48 -19.86
C TYR A 124 17.81 37.77 -21.22
N GLY A 125 17.03 38.39 -22.10
CA GLY A 125 17.48 38.61 -23.45
C GLY A 125 17.75 37.24 -24.06
N GLU A 126 18.97 37.06 -24.55
CA GLU A 126 19.37 35.79 -25.13
C GLU A 126 20.35 35.08 -24.20
N SER A 127 20.46 35.57 -22.97
CA SER A 127 21.47 35.06 -22.05
C SER A 127 21.11 33.76 -21.35
N LEU A 128 19.82 33.39 -21.38
CA LEU A 128 19.37 32.18 -20.67
C LEU A 128 19.53 30.89 -21.49
N ASN A 129 20.35 29.99 -20.94
CA ASN A 129 20.67 28.71 -21.53
C ASN A 129 19.60 27.66 -21.23
N LYS A 130 18.42 27.78 -21.85
CA LYS A 130 17.27 26.91 -21.52
C LYS A 130 17.56 25.44 -21.76
N LYS A 131 18.42 25.15 -22.72
CA LYS A 131 18.76 23.78 -23.04
C LYS A 131 19.47 23.07 -21.90
N CYS A 132 20.10 23.83 -20.99
CA CYS A 132 20.79 23.22 -19.86
C CYS A 132 19.97 23.36 -18.60
N LEU A 133 18.72 23.76 -18.77
CA LEU A 133 17.87 24.03 -17.62
C LEU A 133 16.65 23.16 -17.61
N GLY A 134 16.72 22.00 -18.25
CA GLY A 134 15.60 21.07 -18.18
C GLY A 134 15.55 20.43 -16.78
N LEU A 135 14.39 19.90 -16.41
CA LEU A 135 14.28 19.23 -15.11
C LEU A 135 15.30 18.11 -14.99
N LYS A 136 15.76 17.84 -13.76
CA LYS A 136 16.73 16.79 -13.53
C LYS A 136 16.05 15.43 -13.77
N GLU A 137 16.58 14.68 -14.72
CA GLU A 137 15.92 13.47 -15.21
C GLU A 137 16.41 12.22 -14.55
N VAL A 138 15.47 11.31 -14.31
CA VAL A 138 15.78 10.00 -13.77
C VAL A 138 16.50 9.25 -14.88
N ALA A 139 17.72 8.82 -14.61
CA ALA A 139 18.55 8.25 -15.66
C ALA A 139 17.93 7.06 -16.39
N ARG A 140 17.26 6.19 -15.64
CA ARG A 140 16.79 4.92 -16.18
C ARG A 140 15.34 4.71 -15.80
N VAL A 141 14.53 4.34 -16.79
CA VAL A 141 13.11 4.04 -16.62
C VAL A 141 12.81 2.85 -17.53
N GLU A 142 12.35 1.75 -16.93
CA GLU A 142 12.13 0.51 -17.64
C GLU A 142 10.85 -0.15 -17.14
N SER A 143 10.26 -0.99 -17.96
CA SER A 143 8.99 -1.65 -17.67
C SER A 143 9.13 -3.17 -17.52
N PHE A 144 8.44 -3.73 -16.53
CA PHE A 144 8.32 -5.18 -16.39
C PHE A 144 6.81 -5.47 -16.59
N HIS A 145 6.44 -5.78 -17.84
CA HIS A 145 5.03 -6.07 -18.19
C HIS A 145 4.04 -5.03 -17.69
N GLY A 146 4.36 -3.75 -17.92
CA GLY A 146 3.47 -2.66 -17.55
C GLY A 146 3.83 -1.98 -16.24
N PHE A 147 4.62 -2.65 -15.43
CA PHE A 147 5.06 -2.09 -14.14
C PHE A 147 6.33 -1.29 -14.36
N ILE A 148 6.26 0.01 -14.04
CA ILE A 148 7.32 0.95 -14.38
C ILE A 148 8.20 1.20 -13.18
N TYR A 149 9.52 1.00 -13.36
CA TYR A 149 10.52 1.24 -12.34
C TYR A 149 11.54 2.27 -12.82
N GLY A 150 12.14 2.98 -11.86
CA GLY A 150 13.15 4.00 -12.11
C GLY A 150 14.41 3.74 -11.33
N CYS A 151 15.52 4.26 -11.84
CA CYS A 151 16.80 4.14 -11.17
C CYS A 151 17.61 5.39 -11.48
N PHE A 152 18.15 6.01 -10.44
CA PHE A 152 18.96 7.22 -10.64
C PHE A 152 20.37 6.92 -11.16
N ASP A 153 20.81 5.67 -11.08
CA ASP A 153 22.17 5.23 -11.45
C ASP A 153 22.27 4.62 -12.87
N GLN A 154 22.98 5.28 -13.79
CA GLN A 154 23.17 4.76 -15.18
C GLN A 154 24.04 3.47 -15.21
N GLU A 155 24.63 3.17 -14.08
CA GLU A 155 25.40 1.95 -14.07
C GLU A 155 24.58 0.72 -13.66
N ALA A 156 23.36 0.91 -13.19
CA ALA A 156 22.56 -0.24 -12.80
C ALA A 156 22.41 -1.25 -13.93
N PRO A 157 22.31 -2.49 -13.57
CA PRO A 157 21.94 -3.55 -14.50
C PRO A 157 20.53 -3.36 -15.07
N PRO A 158 20.18 -3.85 -16.25
CA PRO A 158 18.79 -3.70 -16.70
C PRO A 158 17.82 -4.33 -15.71
N LEU A 159 16.62 -3.77 -15.64
CA LEU A 159 15.58 -4.25 -14.71
C LEU A 159 15.36 -5.75 -14.81
N MET A 160 15.26 -6.27 -16.02
CA MET A 160 15.02 -7.70 -16.13
C MET A 160 16.16 -8.52 -15.49
N ASP A 161 17.41 -8.12 -15.72
CA ASP A 161 18.56 -8.77 -15.09
C ASP A 161 18.58 -8.58 -13.58
N TYR A 162 18.19 -7.39 -13.14
CA TYR A 162 18.11 -7.09 -11.71
C TYR A 162 17.12 -7.98 -10.95
N LEU A 163 16.04 -8.37 -11.62
CA LEU A 163 15.03 -9.27 -11.02
C LEU A 163 15.61 -10.68 -10.88
N GLY A 164 16.64 -10.96 -11.67
CA GLY A 164 17.34 -12.23 -11.58
C GLY A 164 16.39 -13.40 -11.59
N ASP A 165 16.65 -14.33 -10.69
CA ASP A 165 15.88 -15.57 -10.59
C ASP A 165 14.43 -15.36 -10.14
N ALA A 166 14.12 -14.22 -9.52
CA ALA A 166 12.74 -14.00 -9.12
C ALA A 166 11.83 -13.85 -10.32
N ALA A 167 12.36 -13.32 -11.43
CA ALA A 167 11.54 -13.05 -12.59
C ALA A 167 10.77 -14.30 -13.09
N TRP A 168 11.42 -15.46 -13.01
CA TRP A 168 10.84 -16.70 -13.49
C TRP A 168 9.53 -17.01 -12.76
N TYR A 169 9.52 -16.67 -11.47
CA TYR A 169 8.35 -16.89 -10.65
C TYR A 169 7.22 -15.92 -10.91
N LEU A 170 7.56 -14.67 -11.23
CA LEU A 170 6.55 -13.63 -11.51
C LEU A 170 5.93 -13.72 -12.90
N GLU A 171 6.67 -14.29 -13.85
CA GLU A 171 6.23 -14.30 -15.21
C GLU A 171 4.86 -14.96 -15.46
N PRO A 172 4.55 -16.09 -14.86
CA PRO A 172 3.21 -16.66 -15.11
C PRO A 172 2.08 -15.66 -14.85
N MET A 173 2.10 -14.99 -13.71
CA MET A 173 1.06 -13.99 -13.43
C MET A 173 1.26 -12.66 -14.17
N PHE A 174 2.49 -12.18 -14.31
CA PHE A 174 2.73 -10.88 -14.92
C PHE A 174 2.71 -10.86 -16.44
N LYS A 175 3.07 -11.99 -17.05
CA LYS A 175 3.15 -12.09 -18.50
C LYS A 175 2.08 -13.05 -19.03
N HIS A 176 2.15 -14.30 -18.63
CA HIS A 176 1.30 -15.33 -19.26
C HIS A 176 -0.19 -15.28 -18.94
N SER A 177 -0.57 -14.52 -17.92
CA SER A 177 -1.97 -14.35 -17.54
C SER A 177 -2.69 -13.44 -18.51
N GLY A 178 -1.93 -12.80 -19.39
CA GLY A 178 -2.52 -11.85 -20.29
C GLY A 178 -2.27 -10.43 -19.83
N GLY A 179 -1.70 -10.31 -18.62
CA GLY A 179 -1.35 -9.01 -18.06
C GLY A 179 -2.21 -8.53 -16.91
N LEU A 180 -1.56 -7.72 -16.08
CA LEU A 180 -2.15 -7.16 -14.89
C LEU A 180 -2.32 -5.67 -15.05
N GLU A 181 -3.24 -5.14 -14.26
CA GLU A 181 -3.46 -3.71 -14.19
C GLU A 181 -3.32 -3.38 -12.72
N LEU A 182 -2.88 -2.16 -12.46
CA LEU A 182 -2.82 -1.66 -11.13
C LEU A 182 -4.04 -0.76 -10.94
N VAL A 183 -4.81 -1.01 -9.88
CA VAL A 183 -5.99 -0.20 -9.61
C VAL A 183 -5.59 0.84 -8.56
N GLY A 184 -5.68 2.10 -8.98
CA GLY A 184 -5.40 3.24 -8.13
C GLY A 184 -6.71 3.91 -7.74
N PRO A 185 -6.63 4.98 -6.95
CA PRO A 185 -5.40 5.50 -6.37
C PRO A 185 -5.02 4.63 -5.19
N PRO A 186 -3.78 4.72 -4.74
CA PRO A 186 -3.33 3.90 -3.61
C PRO A 186 -3.82 4.50 -2.28
N GLY A 187 -3.94 3.62 -1.30
CA GLY A 187 -4.07 4.10 0.07
C GLY A 187 -2.73 4.63 0.50
N LYS A 188 -2.66 5.60 1.41
CA LYS A 188 -1.37 6.16 1.87
C LYS A 188 -1.46 6.38 3.37
N VAL A 189 -0.56 5.76 4.11
CA VAL A 189 -0.52 5.81 5.55
C VAL A 189 0.92 5.84 6.06
N VAL A 190 1.18 6.67 7.07
CA VAL A 190 2.48 6.69 7.69
C VAL A 190 2.54 5.74 8.89
N ILE A 191 3.56 4.90 8.95
CA ILE A 191 3.81 4.03 10.10
C ILE A 191 5.16 4.37 10.71
N LYS A 192 5.31 4.09 12.00
CA LYS A 192 6.54 4.42 12.71
C LYS A 192 7.46 3.23 12.74
N ALA A 193 7.79 2.77 11.54
CA ALA A 193 8.68 1.65 11.37
C ALA A 193 9.72 2.02 10.30
N ASN A 194 10.85 1.33 10.35
CA ASN A 194 11.83 1.38 9.28
C ASN A 194 11.27 0.65 8.05
N TRP A 195 11.66 1.14 6.86
CA TRP A 195 11.20 0.58 5.61
C TRP A 195 11.58 -0.90 5.48
N LYS A 196 12.67 -1.32 6.11
CA LYS A 196 13.13 -2.72 6.00
C LYS A 196 12.24 -3.72 6.74
N ALA A 197 11.53 -3.25 7.77
CA ALA A 197 10.69 -4.13 8.56
C ALA A 197 9.57 -4.72 7.72
N PRO A 198 8.74 -3.92 7.05
CA PRO A 198 7.74 -4.53 6.16
C PRO A 198 8.37 -5.19 4.94
N ALA A 199 9.48 -4.65 4.43
CA ALA A 199 10.14 -5.27 3.27
C ALA A 199 10.53 -6.70 3.59
N GLU A 200 11.14 -6.92 4.74
CA GLU A 200 11.60 -8.28 5.11
C GLU A 200 10.38 -9.15 5.40
N ASN A 201 9.31 -8.56 5.96
CA ASN A 201 8.16 -9.36 6.32
C ASN A 201 7.54 -9.95 5.06
N PHE A 202 7.37 -9.12 4.03
CA PHE A 202 6.78 -9.59 2.78
C PHE A 202 7.73 -10.46 1.95
N VAL A 203 9.03 -10.26 2.06
CA VAL A 203 9.96 -11.01 1.20
C VAL A 203 10.08 -12.45 1.60
N GLY A 204 9.91 -12.75 2.88
CA GLY A 204 10.22 -14.09 3.32
C GLY A 204 9.57 -14.59 4.57
N ASP A 205 8.56 -13.89 5.07
CA ASP A 205 8.00 -14.29 6.34
C ASP A 205 6.65 -14.97 6.30
N ALA A 206 6.65 -16.29 6.11
CA ALA A 206 5.41 -17.02 6.27
C ALA A 206 5.22 -17.50 7.71
N TYR A 207 6.31 -17.55 8.51
CA TYR A 207 6.26 -18.03 9.91
C TYR A 207 5.29 -17.23 10.76
N HIS A 208 5.16 -15.92 10.50
CA HIS A 208 4.31 -15.06 11.34
C HIS A 208 2.82 -15.18 11.10
N VAL A 209 2.43 -15.75 9.97
CA VAL A 209 1.05 -15.65 9.54
C VAL A 209 0.06 -16.26 10.52
N GLY A 210 0.31 -17.47 10.95
CA GLY A 210 -0.59 -18.17 11.86
C GLY A 210 -0.77 -17.50 13.20
N TRP A 211 0.31 -16.90 13.70
CA TRP A 211 0.26 -16.24 15.02
C TRP A 211 -0.13 -14.75 14.95
N THR A 212 0.59 -13.97 14.15
CA THR A 212 0.29 -12.55 14.02
C THR A 212 -1.12 -12.33 13.54
N HIS A 213 -1.53 -13.13 12.55
CA HIS A 213 -2.82 -12.95 11.92
C HIS A 213 -3.88 -13.93 12.41
N ALA A 214 -3.68 -14.53 13.57
CA ALA A 214 -4.66 -15.49 14.12
C ALA A 214 -6.09 -14.95 14.05
N SER A 215 -6.27 -13.72 14.53
CA SER A 215 -7.61 -13.13 14.59
C SER A 215 -8.20 -12.88 13.21
N SER A 216 -7.37 -12.47 12.24
CA SER A 216 -7.84 -12.16 10.89
C SER A 216 -8.17 -13.45 10.15
N LEU A 217 -7.34 -14.45 10.34
CA LEU A 217 -7.58 -15.76 9.76
C LEU A 217 -8.92 -16.30 10.27
N ARG A 218 -9.08 -16.33 11.59
CA ARG A 218 -10.31 -16.78 12.22
C ARG A 218 -11.55 -15.99 11.73
N SER A 219 -11.45 -14.66 11.70
CA SER A 219 -12.60 -13.83 11.35
C SER A 219 -12.98 -13.80 9.87
N GLY A 220 -11.99 -13.83 8.98
CA GLY A 220 -12.24 -13.67 7.55
C GLY A 220 -12.59 -14.95 6.84
N GLU A 221 -12.23 -16.07 7.44
CA GLU A 221 -12.54 -17.37 6.84
C GLU A 221 -11.89 -17.55 5.48
N SER A 222 -10.75 -16.90 5.23
CA SER A 222 -10.02 -17.05 3.98
C SER A 222 -9.43 -18.45 3.84
N ILE A 223 -8.90 -18.78 2.65
CA ILE A 223 -8.36 -20.12 2.42
C ILE A 223 -7.17 -20.52 3.30
N PHE A 224 -6.38 -19.55 3.74
CA PHE A 224 -5.22 -19.86 4.57
C PHE A 224 -5.57 -20.03 6.05
N SER A 225 -6.86 -19.94 6.35
CA SER A 225 -7.36 -19.89 7.72
C SER A 225 -7.09 -21.08 8.65
N SER A 226 -6.69 -22.20 8.12
CA SER A 226 -6.40 -23.36 8.96
C SER A 226 -5.23 -23.07 9.90
N LEU A 227 -4.48 -22.01 9.62
CA LEU A 227 -3.29 -21.72 10.39
C LEU A 227 -3.59 -20.85 11.59
N ALA A 228 -4.81 -20.36 11.72
CA ALA A 228 -5.11 -19.44 12.82
C ALA A 228 -4.62 -19.95 14.17
N GLY A 229 -3.78 -19.15 14.82
CA GLY A 229 -3.28 -19.48 16.15
C GLY A 229 -2.33 -20.65 16.13
N ASN A 230 -1.71 -20.88 14.98
CA ASN A 230 -0.81 -22.02 14.80
C ASN A 230 -1.57 -23.30 15.14
N ALA A 231 -2.88 -23.31 14.90
CA ALA A 231 -3.66 -24.51 15.17
C ALA A 231 -3.09 -25.66 14.33
N ALA A 232 -2.46 -25.30 13.21
CA ALA A 232 -1.84 -26.29 12.33
C ALA A 232 -0.82 -25.66 11.41
N LEU A 233 0.20 -26.44 11.03
CA LEU A 233 1.16 -26.02 10.01
C LEU A 233 0.82 -26.78 8.75
N PRO A 234 1.17 -26.22 7.60
CA PRO A 234 1.01 -26.92 6.33
C PRO A 234 2.11 -27.98 6.06
N PRO A 235 1.76 -28.87 5.14
CA PRO A 235 2.54 -29.98 4.56
C PRO A 235 3.97 -30.03 4.01
N GLU A 236 5.01 -29.47 4.64
CA GLU A 236 6.38 -29.63 4.10
C GLU A 236 6.46 -29.26 2.60
N GLY A 237 5.54 -29.79 1.79
CA GLY A 237 5.51 -29.49 0.37
C GLY A 237 4.43 -28.50 -0.02
N ALA A 238 3.98 -27.70 0.95
CA ALA A 238 2.91 -26.71 0.71
C ALA A 238 3.44 -25.49 -0.01
N GLY A 239 4.76 -25.39 -0.11
CA GLY A 239 5.35 -24.26 -0.79
C GLY A 239 6.85 -24.27 -0.75
N LEU A 240 7.45 -23.14 -1.11
CA LEU A 240 8.89 -22.98 -1.20
C LEU A 240 9.24 -21.54 -0.91
N GLN A 241 10.54 -21.29 -0.76
CA GLN A 241 11.08 -19.94 -0.60
C GLN A 241 12.21 -19.74 -1.58
N MET A 242 12.39 -18.53 -2.10
CA MET A 242 13.52 -18.31 -3.01
C MET A 242 14.11 -16.92 -2.83
N THR A 243 15.35 -16.75 -3.26
CA THR A 243 15.99 -15.47 -3.23
C THR A 243 16.98 -15.42 -4.40
N SER A 244 17.52 -14.24 -4.66
CA SER A 244 18.26 -13.96 -5.88
C SER A 244 19.42 -13.06 -5.60
N LYS A 245 20.28 -12.90 -6.60
CA LYS A 245 21.53 -12.17 -6.47
C LYS A 245 21.36 -10.72 -5.99
N TYR A 246 20.43 -10.02 -6.62
CA TYR A 246 20.22 -8.59 -6.36
C TYR A 246 19.27 -8.31 -5.19
N GLY A 247 18.86 -9.34 -4.46
CA GLY A 247 18.13 -9.12 -3.20
C GLY A 247 16.64 -9.49 -3.24
N SER A 248 16.04 -9.51 -4.41
CA SER A 248 14.60 -9.84 -4.50
C SER A 248 14.36 -11.31 -4.14
N GLY A 249 13.22 -11.56 -3.55
CA GLY A 249 12.86 -12.92 -3.15
C GLY A 249 11.39 -13.05 -2.90
N MET A 250 10.97 -14.27 -2.64
CA MET A 250 9.55 -14.53 -2.39
C MET A 250 9.30 -15.89 -1.83
N GLY A 251 8.14 -15.99 -1.20
CA GLY A 251 7.53 -17.22 -0.76
C GLY A 251 6.49 -17.64 -1.77
N VAL A 252 6.31 -18.96 -1.90
CA VAL A 252 5.32 -19.55 -2.77
C VAL A 252 4.47 -20.51 -1.95
N LEU A 253 3.15 -20.29 -1.95
CA LEU A 253 2.22 -21.16 -1.25
C LEU A 253 1.37 -21.79 -2.36
N TRP A 254 1.62 -23.05 -2.66
CA TRP A 254 0.99 -23.72 -3.79
C TRP A 254 -0.55 -23.59 -3.78
N ASP A 255 -1.09 -23.25 -4.93
CA ASP A 255 -2.51 -23.19 -5.22
C ASP A 255 -3.37 -22.14 -4.54
N GLY A 256 -2.79 -21.33 -3.64
CA GLY A 256 -3.57 -20.37 -2.85
C GLY A 256 -4.08 -19.13 -3.57
N TYR A 257 -4.79 -19.32 -4.66
CA TYR A 257 -5.19 -18.25 -5.58
C TYR A 257 -6.15 -17.21 -4.97
N SER A 258 -6.99 -17.60 -4.02
CA SER A 258 -7.87 -16.62 -3.37
C SER A 258 -7.16 -15.84 -2.26
N GLY A 259 -5.96 -16.30 -1.90
CA GLY A 259 -5.13 -15.62 -0.92
C GLY A 259 -5.83 -15.21 0.35
N VAL A 260 -5.69 -13.93 0.70
CA VAL A 260 -6.23 -13.45 1.96
C VAL A 260 -7.72 -13.10 1.87
N HIS A 261 -8.32 -13.25 0.70
CA HIS A 261 -9.75 -12.91 0.55
C HIS A 261 -10.69 -13.79 1.39
N SER A 262 -11.61 -13.05 2.01
CA SER A 262 -12.61 -13.64 2.84
C SER A 262 -13.46 -14.53 1.96
N ALA A 263 -14.16 -15.44 2.60
CA ALA A 263 -14.95 -16.42 1.91
C ALA A 263 -15.91 -15.90 0.85
N ASP A 264 -16.33 -14.63 0.93
CA ASP A 264 -17.25 -14.09 -0.09
C ASP A 264 -16.71 -14.11 -1.55
N LEU A 265 -15.39 -14.11 -1.70
CA LEU A 265 -14.73 -14.12 -3.02
C LEU A 265 -14.05 -15.45 -3.38
N VAL A 266 -13.82 -16.31 -2.40
CA VAL A 266 -13.06 -17.55 -2.59
C VAL A 266 -13.58 -18.39 -3.74
N PRO A 267 -14.88 -18.63 -3.84
CA PRO A 267 -15.37 -19.47 -4.95
C PRO A 267 -15.13 -18.88 -6.36
N GLU A 268 -15.43 -17.60 -6.53
CA GLU A 268 -15.24 -16.98 -7.83
C GLU A 268 -13.79 -16.96 -8.26
N LEU A 269 -12.90 -16.66 -7.32
CA LEU A 269 -11.49 -16.61 -7.63
C LEU A 269 -10.96 -18.00 -7.93
N MET A 270 -11.27 -18.95 -7.07
CA MET A 270 -10.75 -20.29 -7.30
C MET A 270 -11.21 -20.85 -8.63
N ALA A 271 -12.42 -20.50 -9.06
CA ALA A 271 -12.88 -20.88 -10.37
C ALA A 271 -12.10 -20.17 -11.50
N PHE A 272 -11.88 -18.86 -11.35
CA PHE A 272 -11.22 -18.05 -12.37
C PHE A 272 -9.79 -18.51 -12.61
N GLY A 273 -9.01 -18.62 -11.53
CA GLY A 273 -7.61 -19.02 -11.62
C GLY A 273 -7.45 -20.46 -12.12
N GLY A 274 -8.29 -21.33 -11.62
CA GLY A 274 -8.27 -22.70 -12.10
C GLY A 274 -8.57 -22.83 -13.59
N ALA A 275 -9.51 -22.06 -14.10
CA ALA A 275 -9.79 -22.09 -15.54
C ALA A 275 -8.61 -21.55 -16.35
N LYS A 276 -8.00 -20.46 -15.88
CA LYS A 276 -6.85 -19.95 -16.62
C LYS A 276 -5.69 -20.92 -16.55
N GLN A 277 -5.49 -21.51 -15.38
CA GLN A 277 -4.44 -22.48 -15.22
C GLN A 277 -4.58 -23.58 -16.28
N GLU A 278 -5.79 -24.08 -16.46
CA GLU A 278 -6.00 -25.20 -17.41
C GLU A 278 -5.52 -24.84 -18.83
N ARG A 279 -5.72 -23.59 -19.23
CA ARG A 279 -5.24 -23.12 -20.54
C ARG A 279 -3.71 -22.94 -20.55
N LEU A 280 -3.17 -22.48 -19.44
CA LEU A 280 -1.72 -22.24 -19.37
C LEU A 280 -0.89 -23.53 -19.33
N ASN A 281 -1.50 -24.64 -18.92
CA ASN A 281 -0.78 -25.92 -18.90
C ASN A 281 -0.11 -26.21 -20.26
N LYS A 282 -0.84 -25.96 -21.32
CA LYS A 282 -0.38 -26.20 -22.70
C LYS A 282 0.62 -25.18 -23.21
N GLU A 283 0.60 -23.99 -22.61
CA GLU A 283 1.47 -22.92 -23.11
C GLU A 283 2.80 -22.83 -22.40
N ILE A 284 2.79 -22.95 -21.07
CA ILE A 284 4.00 -22.80 -20.30
C ILE A 284 4.36 -24.00 -19.44
N GLY A 285 3.55 -25.05 -19.50
CA GLY A 285 3.84 -26.22 -18.71
C GLY A 285 3.11 -26.22 -17.38
N ASP A 286 2.93 -27.44 -16.84
CA ASP A 286 2.17 -27.66 -15.62
C ASP A 286 2.76 -26.91 -14.43
N VAL A 287 4.08 -26.96 -14.26
CA VAL A 287 4.69 -26.32 -13.10
C VAL A 287 4.45 -24.79 -13.13
N ARG A 288 4.71 -24.14 -14.26
CA ARG A 288 4.59 -22.69 -14.34
C ARG A 288 3.12 -22.28 -14.29
N ALA A 289 2.25 -23.10 -14.86
CA ALA A 289 0.78 -22.83 -14.76
C ALA A 289 0.33 -22.90 -13.32
N ARG A 290 0.89 -23.80 -12.53
CA ARG A 290 0.51 -23.89 -11.15
C ARG A 290 1.05 -22.68 -10.40
N ILE A 291 2.29 -22.32 -10.70
CA ILE A 291 2.85 -21.08 -10.11
C ILE A 291 1.94 -19.87 -10.36
N TYR A 292 1.42 -19.72 -11.57
CA TYR A 292 0.48 -18.64 -11.87
C TYR A 292 -0.60 -18.50 -10.78
N ARG A 293 -1.21 -19.63 -10.41
CA ARG A 293 -2.33 -19.61 -9.44
C ARG A 293 -1.88 -19.97 -8.02
N SER A 294 -0.60 -19.73 -7.73
CA SER A 294 -0.04 -19.94 -6.41
C SER A 294 0.25 -18.55 -5.79
N HIS A 295 0.06 -18.45 -4.48
CA HIS A 295 0.24 -17.18 -3.79
C HIS A 295 1.71 -16.89 -3.58
N LEU A 296 2.18 -15.77 -4.14
CA LEU A 296 3.56 -15.36 -4.02
C LEU A 296 3.62 -14.13 -3.12
N ASN A 297 4.39 -14.22 -2.05
CA ASN A 297 4.68 -13.06 -1.20
C ASN A 297 6.10 -12.64 -1.54
N CYS A 298 6.22 -11.49 -2.20
CA CYS A 298 7.50 -11.07 -2.77
C CYS A 298 7.89 -9.67 -2.41
N THR A 299 9.21 -9.44 -2.32
CA THR A 299 9.74 -8.11 -2.27
C THR A 299 10.72 -7.98 -3.43
N VAL A 300 10.49 -6.97 -4.24
CA VAL A 300 11.40 -6.59 -5.30
C VAL A 300 12.30 -5.58 -4.59
N PHE A 301 13.55 -5.97 -4.37
CA PHE A 301 14.52 -5.16 -3.66
C PHE A 301 14.56 -3.74 -4.24
N PRO A 302 14.61 -2.70 -3.41
CA PRO A 302 14.61 -2.78 -1.94
C PRO A 302 13.26 -2.69 -1.27
N ASN A 303 12.35 -1.88 -1.78
CA ASN A 303 11.15 -1.54 -1.00
C ASN A 303 9.80 -1.66 -1.68
N ASN A 304 9.67 -2.59 -2.63
CA ASN A 304 8.43 -2.85 -3.35
C ASN A 304 7.99 -4.26 -3.00
N SER A 305 6.80 -4.45 -2.43
CA SER A 305 6.34 -5.80 -2.06
C SER A 305 4.98 -6.10 -2.67
N MET A 306 4.64 -7.37 -2.76
CA MET A 306 3.37 -7.72 -3.31
C MET A 306 2.96 -9.11 -2.87
N LEU A 307 1.65 -9.37 -2.95
CA LEU A 307 1.08 -10.67 -2.70
C LEU A 307 0.33 -10.99 -4.00
N THR A 308 0.82 -11.85 -4.86
CA THR A 308 0.02 -12.15 -6.05
C THR A 308 -1.18 -12.95 -5.60
N CYS A 309 -2.20 -13.00 -6.45
CA CYS A 309 -3.44 -13.72 -6.21
C CYS A 309 -4.28 -12.90 -5.20
N SER A 310 -3.71 -12.62 -4.04
CA SER A 310 -4.39 -11.68 -3.14
C SER A 310 -4.51 -10.31 -3.85
N GLY A 311 -3.50 -9.96 -4.63
CA GLY A 311 -3.54 -8.74 -5.40
C GLY A 311 -3.10 -7.50 -4.62
N VAL A 312 -2.30 -7.70 -3.60
CA VAL A 312 -1.80 -6.60 -2.76
C VAL A 312 -0.48 -6.08 -3.34
N PHE A 313 -0.35 -4.76 -3.55
CA PHE A 313 0.87 -4.20 -4.12
C PHE A 313 1.25 -3.01 -3.23
N LYS A 314 2.46 -3.07 -2.66
CA LYS A 314 2.95 -2.08 -1.68
C LYS A 314 4.25 -1.38 -2.04
N VAL A 315 4.34 -0.11 -1.67
CA VAL A 315 5.61 0.59 -1.73
C VAL A 315 5.89 1.08 -0.31
N TRP A 316 7.06 0.75 0.22
CA TRP A 316 7.46 1.17 1.57
C TRP A 316 8.38 2.36 1.41
N ASN A 317 7.80 3.54 1.37
CA ASN A 317 8.56 4.78 1.09
C ASN A 317 9.24 5.31 2.34
N PRO A 318 10.58 5.41 2.29
CA PRO A 318 11.33 5.79 3.49
C PRO A 318 11.19 7.27 3.81
N ILE A 319 11.00 7.58 5.10
CA ILE A 319 10.97 8.97 5.53
C ILE A 319 12.15 9.22 6.47
N ASP A 320 12.32 8.39 7.50
CA ASP A 320 13.53 8.39 8.34
C ASP A 320 13.65 7.00 8.95
N ALA A 321 14.65 6.76 9.81
CA ALA A 321 14.87 5.39 10.30
C ALA A 321 13.68 4.74 10.97
N ASN A 322 12.78 5.53 11.57
CA ASN A 322 11.61 4.96 12.20
C ASN A 322 10.31 5.52 11.62
N THR A 323 10.36 6.00 10.37
CA THR A 323 9.15 6.46 9.67
C THR A 323 9.12 6.00 8.23
N THR A 324 7.99 5.41 7.83
CA THR A 324 7.75 4.95 6.47
C THR A 324 6.33 5.30 6.01
N GLU A 325 6.22 5.71 4.75
CA GLU A 325 4.93 6.04 4.18
C GLU A 325 4.56 4.87 3.30
N VAL A 326 3.47 4.21 3.65
CA VAL A 326 3.02 2.99 2.98
C VAL A 326 1.98 3.30 1.90
N TRP A 327 2.29 2.90 0.67
CA TRP A 327 1.36 3.05 -0.42
C TRP A 327 0.82 1.67 -0.78
N THR A 328 -0.51 1.55 -0.86
CA THR A 328 -1.18 0.29 -1.14
C THR A 328 -2.07 0.37 -2.35
N TYR A 329 -1.73 -0.43 -3.38
CA TYR A 329 -2.57 -0.54 -4.59
C TYR A 329 -3.10 -1.98 -4.65
N ALA A 330 -4.07 -2.17 -5.54
CA ALA A 330 -4.51 -3.52 -5.87
C ALA A 330 -4.06 -3.89 -7.27
N ILE A 331 -3.68 -5.16 -7.45
CA ILE A 331 -3.36 -5.64 -8.79
C ILE A 331 -4.47 -6.60 -9.18
N VAL A 332 -4.93 -6.46 -10.42
CA VAL A 332 -5.97 -7.36 -10.95
C VAL A 332 -5.55 -7.84 -12.32
N GLU A 333 -6.04 -9.02 -12.69
CA GLU A 333 -5.83 -9.54 -14.05
C GLU A 333 -6.75 -8.80 -15.03
N LYS A 334 -6.15 -8.29 -16.10
CA LYS A 334 -6.83 -7.49 -17.08
C LYS A 334 -8.09 -8.14 -17.66
N ASP A 335 -8.07 -9.47 -17.82
CA ASP A 335 -9.22 -10.15 -18.41
C ASP A 335 -10.26 -10.64 -17.43
N MET A 336 -10.12 -10.24 -16.17
CA MET A 336 -11.17 -10.53 -15.22
C MET A 336 -12.34 -9.63 -15.56
N PRO A 337 -13.55 -10.12 -15.28
CA PRO A 337 -14.73 -9.29 -15.46
C PRO A 337 -14.64 -8.05 -14.59
N GLU A 338 -15.20 -6.95 -15.08
CA GLU A 338 -15.15 -5.66 -14.39
C GLU A 338 -15.65 -5.70 -12.98
N ASP A 339 -16.75 -6.40 -12.75
CA ASP A 339 -17.34 -6.42 -11.43
C ASP A 339 -16.43 -7.16 -10.44
N LEU A 340 -15.76 -8.18 -10.93
CA LEU A 340 -14.83 -8.93 -10.11
C LEU A 340 -13.63 -8.02 -9.84
N LYS A 341 -13.16 -7.28 -10.85
CA LYS A 341 -12.08 -6.32 -10.62
C LYS A 341 -12.38 -5.36 -9.45
N ARG A 342 -13.58 -4.79 -9.47
CA ARG A 342 -14.02 -3.86 -8.43
C ARG A 342 -14.04 -4.50 -7.04
N ARG A 343 -14.61 -5.71 -6.95
CA ARG A 343 -14.69 -6.38 -5.65
C ARG A 343 -13.34 -6.79 -5.12
N LEU A 344 -12.46 -7.24 -6.01
CA LEU A 344 -11.13 -7.62 -5.60
C LEU A 344 -10.38 -6.43 -5.08
N ALA A 345 -10.44 -5.31 -5.80
CA ALA A 345 -9.78 -4.07 -5.33
C ALA A 345 -10.25 -3.65 -3.93
N ASP A 346 -11.56 -3.74 -3.67
CA ASP A 346 -12.07 -3.31 -2.36
C ASP A 346 -11.56 -4.28 -1.29
N SER A 347 -11.48 -5.56 -1.67
CA SER A 347 -11.02 -6.57 -0.72
C SER A 347 -9.53 -6.42 -0.39
N VAL A 348 -8.73 -6.00 -1.37
CA VAL A 348 -7.35 -5.71 -1.13
C VAL A 348 -7.27 -4.62 -0.07
N GLN A 349 -8.03 -3.56 -0.27
CA GLN A 349 -8.01 -2.46 0.71
C GLN A 349 -8.62 -2.89 2.08
N ARG A 350 -9.63 -3.73 2.03
CA ARG A 350 -10.28 -4.21 3.24
C ARG A 350 -9.29 -4.98 4.13
N THR A 351 -8.42 -5.76 3.50
CA THR A 351 -7.48 -6.56 4.25
C THR A 351 -6.13 -5.88 4.50
N PHE A 352 -5.62 -5.18 3.50
CA PHE A 352 -4.27 -4.62 3.56
C PHE A 352 -4.13 -3.12 3.37
N GLY A 353 -5.23 -2.42 3.24
CA GLY A 353 -5.21 -0.98 3.05
C GLY A 353 -5.15 -0.22 4.36
N PRO A 354 -5.46 1.07 4.30
CA PRO A 354 -5.40 1.96 5.49
C PRO A 354 -6.24 1.49 6.66
N ALA A 355 -7.36 0.84 6.39
CA ALA A 355 -8.16 0.20 7.41
C ALA A 355 -8.14 -1.28 7.23
N GLY A 356 -7.03 -1.82 6.68
CA GLY A 356 -6.92 -3.26 6.52
C GLY A 356 -6.76 -4.00 7.80
N PHE A 357 -7.66 -4.92 8.08
CA PHE A 357 -7.60 -5.65 9.36
C PHE A 357 -6.39 -6.60 9.44
N TRP A 358 -5.95 -7.14 8.31
CA TRP A 358 -4.72 -7.95 8.36
C TRP A 358 -3.50 -7.05 8.60
N GLU A 359 -3.38 -5.98 7.82
CA GLU A 359 -2.27 -5.04 7.96
C GLU A 359 -2.19 -4.52 9.41
N SER A 360 -3.33 -4.32 10.05
CA SER A 360 -3.34 -3.83 11.45
C SER A 360 -2.64 -4.80 12.40
N ASP A 361 -2.74 -6.09 12.11
CA ASP A 361 -2.13 -7.10 12.95
C ASP A 361 -0.62 -6.94 12.97
N ASP A 362 -0.06 -6.40 11.89
CA ASP A 362 1.39 -6.33 11.72
C ASP A 362 1.97 -5.05 12.28
N ASN A 363 1.13 -4.05 12.52
CA ASN A 363 1.61 -2.72 12.94
C ASN A 363 2.59 -2.74 14.07
N ASP A 364 2.14 -3.28 15.20
CA ASP A 364 2.96 -3.25 16.40
C ASP A 364 4.26 -4.01 16.22
N ASN A 365 4.20 -5.11 15.46
CA ASN A 365 5.38 -5.91 15.20
C ASN A 365 6.44 -5.06 14.52
N MET A 366 6.07 -4.41 13.44
CA MET A 366 7.00 -3.60 12.65
C MET A 366 7.48 -2.38 13.40
N GLU A 367 6.54 -1.69 14.05
CA GLU A 367 6.91 -0.47 14.75
C GLU A 367 7.85 -0.72 15.93
N THR A 368 7.50 -1.68 16.78
CA THR A 368 8.34 -1.89 17.99
C THR A 368 9.69 -2.52 17.61
N ALA A 369 9.70 -3.45 16.65
CA ALA A 369 10.98 -4.01 16.23
C ALA A 369 11.86 -2.89 15.68
N SER A 370 11.31 -1.94 14.95
CA SER A 370 12.10 -0.85 14.42
C SER A 370 12.57 0.07 15.52
N GLN A 371 11.66 0.49 16.38
CA GLN A 371 12.01 1.41 17.44
C GLN A 371 13.01 0.84 18.45
N ASN A 372 12.95 -0.47 18.68
CA ASN A 372 13.90 -1.10 19.59
C ASN A 372 15.33 -1.03 19.07
N GLY A 373 15.49 -0.84 17.74
CA GLY A 373 16.80 -0.68 17.13
C GLY A 373 17.50 0.57 17.56
N LYS A 374 16.77 1.52 18.16
CA LYS A 374 17.37 2.73 18.68
C LYS A 374 17.84 2.61 20.13
N LYS A 375 17.28 1.64 20.83
CA LYS A 375 17.52 1.48 22.27
C LYS A 375 18.93 1.00 22.54
N TYR A 376 19.59 1.65 23.49
CA TYR A 376 21.03 1.43 23.76
C TYR A 376 21.46 -0.04 23.86
N GLN A 377 20.74 -0.84 24.65
CA GLN A 377 21.13 -2.23 24.91
C GLN A 377 20.80 -3.17 23.77
N SER A 378 20.09 -2.68 22.76
CA SER A 378 19.71 -3.53 21.61
C SER A 378 20.44 -3.20 20.33
N ARG A 379 21.10 -2.05 20.25
CA ARG A 379 21.77 -1.62 19.03
C ARG A 379 22.70 -2.67 18.44
N ASP A 380 23.51 -3.25 19.32
CA ASP A 380 24.55 -4.21 18.95
C ASP A 380 24.06 -5.65 19.09
N SER A 381 22.77 -5.83 19.29
CA SER A 381 22.18 -7.18 19.39
C SER A 381 21.93 -7.73 18.00
N ASP A 382 21.75 -9.06 17.90
CA ASP A 382 21.59 -9.70 16.60
C ASP A 382 20.19 -10.20 16.35
N LEU A 383 19.58 -9.68 15.28
CA LEU A 383 18.32 -10.15 14.74
C LEU A 383 18.62 -11.47 14.01
N LEU A 384 17.89 -12.54 14.30
CA LEU A 384 18.20 -13.87 13.74
C LEU A 384 17.40 -14.23 12.50
N SER A 385 18.10 -14.77 11.48
CA SER A 385 17.48 -15.22 10.25
C SER A 385 18.13 -16.51 9.79
N ASN A 386 18.24 -17.46 10.73
CA ASN A 386 18.88 -18.74 10.45
C ASN A 386 17.97 -19.91 10.15
N LEU A 387 16.66 -19.72 10.19
CA LEU A 387 15.71 -20.81 9.97
C LEU A 387 15.94 -21.42 8.60
N GLY A 388 16.24 -22.72 8.55
CA GLY A 388 16.39 -23.36 7.27
C GLY A 388 17.80 -23.32 6.71
N PHE A 389 18.73 -22.70 7.41
CA PHE A 389 20.07 -22.55 6.87
C PHE A 389 20.80 -23.89 6.75
N GLY A 390 21.39 -24.11 5.59
CA GLY A 390 22.11 -25.32 5.27
C GLY A 390 21.22 -26.41 4.70
N GLU A 391 20.05 -26.01 4.26
CA GLU A 391 19.14 -26.86 3.51
C GLU A 391 18.72 -26.15 2.23
N ASP A 392 19.26 -24.97 1.97
CA ASP A 392 18.89 -24.29 0.74
C ASP A 392 19.75 -24.83 -0.38
N VAL A 393 19.22 -24.79 -1.59
CA VAL A 393 19.96 -25.25 -2.74
C VAL A 393 20.01 -24.21 -3.81
N TYR A 394 20.91 -24.38 -4.75
CA TYR A 394 20.74 -23.57 -5.92
C TYR A 394 20.99 -24.32 -7.22
N GLY A 395 20.57 -23.74 -8.30
CA GLY A 395 20.66 -24.36 -9.60
C GLY A 395 19.79 -25.60 -9.71
N ASP A 396 18.65 -25.63 -9.03
CA ASP A 396 17.73 -26.74 -9.10
C ASP A 396 17.18 -26.88 -10.53
N ALA A 397 16.89 -28.13 -10.90
CA ALA A 397 16.38 -28.40 -12.24
C ALA A 397 15.03 -27.82 -12.57
N VAL A 398 14.22 -27.52 -11.56
CA VAL A 398 12.90 -27.00 -11.83
C VAL A 398 12.68 -25.57 -11.34
N TYR A 399 13.23 -25.25 -10.17
CA TYR A 399 12.91 -23.98 -9.51
C TYR A 399 14.22 -23.21 -9.37
N PRO A 400 14.36 -22.07 -10.03
CA PRO A 400 15.63 -21.35 -10.04
C PRO A 400 15.88 -20.46 -8.82
N GLY A 401 17.14 -20.11 -8.62
CA GLY A 401 17.52 -19.20 -7.54
C GLY A 401 18.10 -19.97 -6.38
N VAL A 402 18.30 -19.29 -5.26
CA VAL A 402 18.63 -20.00 -4.04
C VAL A 402 17.27 -20.33 -3.47
N VAL A 403 17.05 -21.61 -3.26
CA VAL A 403 15.73 -22.11 -2.95
C VAL A 403 15.67 -23.00 -1.70
N GLY A 404 14.70 -22.72 -0.84
CA GLY A 404 14.38 -23.56 0.31
C GLY A 404 13.09 -24.30 -0.01
N LYS A 405 13.15 -25.62 -0.12
CA LYS A 405 11.99 -26.40 -0.51
C LYS A 405 11.10 -26.71 0.68
N SER A 406 10.64 -25.64 1.33
CA SER A 406 9.74 -25.70 2.49
C SER A 406 8.92 -24.42 2.45
N ALA A 407 7.69 -24.48 2.95
CA ALA A 407 6.83 -23.30 2.90
C ALA A 407 7.29 -22.18 3.79
N ILE A 408 7.80 -22.57 4.95
CA ILE A 408 8.17 -21.64 6.00
C ILE A 408 9.66 -21.71 6.30
N GLY A 409 10.36 -20.58 6.20
CA GLY A 409 11.77 -20.56 6.52
C GLY A 409 12.29 -19.13 6.41
N GLU A 410 13.60 -18.93 6.41
CA GLU A 410 14.16 -17.58 6.37
C GLU A 410 15.16 -17.41 5.21
N THR A 411 15.05 -18.28 4.20
CA THR A 411 15.88 -18.16 3.00
C THR A 411 15.87 -16.76 2.36
N SER A 412 14.69 -16.21 2.23
CA SER A 412 14.52 -14.94 1.56
C SER A 412 15.05 -13.76 2.40
N TYR A 413 14.97 -13.85 3.72
CA TYR A 413 15.62 -12.83 4.54
C TYR A 413 17.14 -12.83 4.28
N ARG A 414 17.72 -14.03 4.19
CA ARG A 414 19.16 -14.14 4.04
C ARG A 414 19.66 -13.55 2.74
N GLY A 415 18.91 -13.78 1.68
CA GLY A 415 19.26 -13.20 0.39
C GLY A 415 19.04 -11.69 0.34
N PHE A 416 17.96 -11.19 0.97
CA PHE A 416 17.70 -9.76 1.04
C PHE A 416 18.84 -9.06 1.77
N TYR A 417 19.26 -9.58 2.91
CA TYR A 417 20.26 -8.91 3.73
C TYR A 417 21.67 -9.07 3.17
N ARG A 418 21.94 -10.20 2.53
CA ARG A 418 23.19 -10.36 1.81
C ARG A 418 23.23 -9.21 0.79
N ALA A 419 22.28 -9.08 -0.11
CA ALA A 419 22.33 -7.97 -1.05
C ALA A 419 22.47 -6.58 -0.35
N TYR A 420 21.74 -6.35 0.73
CA TYR A 420 21.88 -5.12 1.49
C TYR A 420 23.36 -4.83 1.96
N GLN A 421 24.17 -5.80 2.56
CA GLN A 421 25.60 -5.67 3.06
C GLN A 421 26.37 -5.21 1.92
N ALA A 422 26.32 -6.01 0.86
CA ALA A 422 27.03 -5.74 -0.36
C ALA A 422 26.83 -4.30 -0.87
N HIS A 423 25.61 -3.77 -0.86
CA HIS A 423 25.37 -2.41 -1.27
C HIS A 423 25.92 -1.41 -0.24
N VAL A 424 25.64 -1.60 1.04
CA VAL A 424 26.01 -0.58 2.05
C VAL A 424 27.54 -0.45 2.13
N SER A 425 28.25 -1.53 1.81
CA SER A 425 29.70 -1.55 1.93
C SER A 425 30.42 -1.25 0.59
N SER A 426 29.63 -0.93 -0.46
CA SER A 426 30.12 -0.66 -1.80
C SER A 426 29.84 0.75 -2.28
N SER A 427 30.77 1.32 -3.07
CA SER A 427 30.64 2.70 -3.56
C SER A 427 29.98 2.80 -4.91
N ASN A 428 29.85 1.68 -5.57
CA ASN A 428 29.24 1.66 -6.87
C ASN A 428 28.78 0.25 -7.24
N TRP A 429 28.17 0.19 -8.42
CA TRP A 429 27.66 -1.05 -8.96
C TRP A 429 28.79 -2.09 -9.25
N ALA A 430 29.99 -1.65 -9.63
CA ALA A 430 31.10 -2.59 -9.90
C ALA A 430 31.56 -3.26 -8.63
N GLU A 431 31.63 -2.48 -7.55
CA GLU A 431 32.01 -3.00 -6.26
C GLU A 431 30.93 -3.97 -5.73
N PHE A 432 29.65 -3.65 -5.93
CA PHE A 432 28.60 -4.58 -5.53
C PHE A 432 28.77 -5.94 -6.26
N GLU A 433 29.09 -5.89 -7.54
CA GLU A 433 29.28 -7.12 -8.30
C GLU A 433 30.47 -7.90 -7.75
N HIS A 434 31.56 -7.22 -7.46
CA HIS A 434 32.74 -7.87 -6.89
C HIS A 434 32.40 -8.53 -5.55
N ALA A 435 31.62 -7.83 -4.73
CA ALA A 435 31.18 -8.35 -3.44
C ALA A 435 30.15 -9.48 -3.56
N SER A 436 29.63 -9.71 -4.76
CA SER A 436 28.52 -10.66 -4.96
C SER A 436 28.88 -11.80 -5.87
N SER A 437 30.17 -11.93 -6.16
CA SER A 437 30.60 -12.93 -7.13
C SER A 437 30.44 -14.37 -6.63
N THR A 438 30.24 -14.57 -5.33
CA THR A 438 29.94 -15.92 -4.83
C THR A 438 28.68 -15.90 -3.96
N TRP A 439 27.73 -15.12 -4.38
CA TRP A 439 26.48 -14.89 -3.61
C TRP A 439 25.74 -16.17 -3.27
N HIS A 440 25.62 -17.13 -4.17
CA HIS A 440 24.76 -18.26 -3.91
C HIS A 440 25.51 -19.28 -3.05
N THR A 441 26.84 -19.35 -3.21
CA THR A 441 27.68 -20.16 -2.38
C THR A 441 27.59 -19.70 -0.94
N GLU A 442 27.64 -18.39 -0.74
CA GLU A 442 27.52 -17.86 0.61
C GLU A 442 26.17 -18.26 1.21
N LEU A 443 25.11 -18.21 0.42
CA LEU A 443 23.78 -18.54 0.94
C LEU A 443 23.49 -20.03 1.21
N THR A 444 24.16 -20.94 0.52
CA THR A 444 23.90 -22.39 0.67
C THR A 444 24.97 -23.09 1.50
N LYS A 445 26.00 -22.37 1.90
CA LYS A 445 27.20 -22.90 2.60
C LYS A 445 27.22 -24.35 3.10
N THR A 446 26.63 -24.62 4.26
CA THR A 446 26.75 -25.94 4.89
C THR A 446 26.00 -27.12 4.22
N THR A 447 25.24 -26.87 3.16
CA THR A 447 24.54 -27.99 2.50
C THR A 447 25.51 -28.79 1.62
N MET B 2 -30.43 28.40 -3.25
CA MET B 2 -29.26 28.84 -2.43
C MET B 2 -28.04 28.97 -3.36
N ILE B 3 -27.08 28.07 -3.19
CA ILE B 3 -25.88 27.96 -4.00
C ILE B 3 -26.04 27.74 -5.50
N ASN B 4 -25.18 28.41 -6.24
CA ASN B 4 -25.04 28.27 -7.68
C ASN B 4 -23.58 27.92 -7.87
N ILE B 5 -23.28 26.69 -8.31
CA ILE B 5 -21.88 26.25 -8.36
C ILE B 5 -21.09 26.86 -9.52
N GLN B 6 -21.78 27.50 -10.45
CA GLN B 6 -21.09 28.23 -11.51
C GLN B 6 -20.43 29.48 -10.91
N GLU B 7 -21.09 30.09 -9.92
CA GLU B 7 -20.55 31.26 -9.24
C GLU B 7 -19.65 30.85 -8.06
N ASP B 8 -20.13 29.92 -7.25
CA ASP B 8 -19.35 29.43 -6.09
C ASP B 8 -18.45 28.33 -6.63
N LYS B 9 -17.35 28.77 -7.22
CA LYS B 9 -16.50 27.92 -8.02
C LYS B 9 -15.83 26.76 -7.29
N LEU B 10 -15.72 26.84 -5.98
CA LEU B 10 -15.02 25.77 -5.25
C LEU B 10 -15.97 24.68 -4.78
N VAL B 11 -17.27 24.85 -5.02
CA VAL B 11 -18.26 23.94 -4.47
C VAL B 11 -18.58 22.82 -5.46
N SER B 12 -18.58 21.59 -4.99
CA SER B 12 -18.93 20.46 -5.85
C SER B 12 -20.46 20.29 -5.98
N ALA B 13 -20.91 19.67 -7.07
CA ALA B 13 -22.36 19.49 -7.25
C ALA B 13 -22.93 18.66 -6.09
N HIS B 14 -22.18 17.64 -5.66
CA HIS B 14 -22.64 16.81 -4.55
C HIS B 14 -22.86 17.65 -3.29
N ASP B 15 -21.87 18.44 -2.93
CA ASP B 15 -21.98 19.26 -1.74
C ASP B 15 -23.17 20.23 -1.82
N ALA B 16 -23.40 20.82 -2.99
CA ALA B 16 -24.49 21.78 -3.14
C ALA B 16 -25.86 21.08 -2.96
N GLU B 17 -25.96 19.84 -3.42
CA GLU B 17 -27.21 19.08 -3.24
C GLU B 17 -27.50 18.84 -1.76
N GLU B 18 -26.46 18.58 -0.97
CA GLU B 18 -26.67 18.31 0.45
C GLU B 18 -27.09 19.56 1.22
N ILE B 19 -26.57 20.72 0.84
CA ILE B 19 -27.01 21.93 1.52
C ILE B 19 -28.49 22.18 1.24
N LEU B 20 -28.89 21.96 0.01
CA LEU B 20 -30.27 22.15 -0.35
C LEU B 20 -31.19 21.30 0.53
N ARG B 21 -30.75 20.09 0.82
CA ARG B 21 -31.57 19.14 1.55
C ARG B 21 -31.91 19.62 2.96
N PHE B 22 -30.95 20.26 3.63
CA PHE B 22 -31.11 20.68 5.02
C PHE B 22 -31.64 22.07 5.25
N PHE B 23 -31.41 22.95 4.29
CA PHE B 23 -31.79 24.33 4.46
C PHE B 23 -33.32 24.51 4.28
N ASN B 24 -33.94 23.60 3.55
CA ASN B 24 -35.37 23.70 3.20
C ASN B 24 -36.36 23.62 4.36
N CYS B 25 -36.75 22.40 4.73
CA CYS B 25 -37.72 22.25 5.81
C CYS B 25 -36.97 21.96 7.09
N HIS B 26 -37.24 22.75 8.13
CA HIS B 26 -36.61 22.48 9.39
C HIS B 26 -37.62 21.94 10.38
N ASP B 27 -37.24 20.84 10.99
CA ASP B 27 -38.06 20.08 11.89
C ASP B 27 -37.18 19.96 13.13
N SER B 28 -37.37 20.88 14.07
CA SER B 28 -36.60 20.92 15.31
C SER B 28 -36.63 19.58 16.06
N ALA B 29 -37.78 18.92 16.07
CA ALA B 29 -37.92 17.67 16.83
C ALA B 29 -37.06 16.57 16.24
N LEU B 30 -36.98 16.58 14.92
CA LEU B 30 -36.18 15.62 14.20
C LEU B 30 -34.70 15.83 14.48
N GLN B 31 -34.29 17.09 14.57
CA GLN B 31 -32.89 17.37 14.86
C GLN B 31 -32.52 16.79 16.21
N GLN B 32 -33.41 16.96 17.19
CA GLN B 32 -33.11 16.49 18.53
C GLN B 32 -33.11 14.95 18.61
N GLU B 33 -34.03 14.33 17.89
CA GLU B 33 -34.09 12.88 17.84
C GLU B 33 -32.79 12.35 17.22
N ALA B 34 -32.35 13.00 16.14
CA ALA B 34 -31.13 12.57 15.46
C ALA B 34 -29.94 12.73 16.38
N THR B 35 -29.93 13.84 17.13
CA THR B 35 -28.82 14.06 18.06
C THR B 35 -28.75 12.95 19.09
N THR B 36 -29.89 12.56 19.65
CA THR B 36 -29.92 11.48 20.63
C THR B 36 -29.44 10.17 20.04
N LEU B 37 -29.89 9.87 18.84
CA LEU B 37 -29.55 8.63 18.17
C LEU B 37 -28.02 8.53 18.00
N LEU B 38 -27.40 9.59 17.52
CA LEU B 38 -25.99 9.59 17.25
C LEU B 38 -25.17 9.55 18.51
N THR B 39 -25.67 10.20 19.55
CA THR B 39 -24.99 10.20 20.84
C THR B 39 -25.00 8.78 21.41
N GLN B 40 -26.12 8.08 21.26
CA GLN B 40 -26.21 6.71 21.75
C GLN B 40 -25.31 5.76 20.97
N GLU B 41 -25.27 5.94 19.66
CA GLU B 41 -24.40 5.12 18.81
C GLU B 41 -22.94 5.32 19.22
N ALA B 42 -22.54 6.58 19.40
CA ALA B 42 -21.15 6.87 19.75
C ALA B 42 -20.80 6.31 21.13
N HIS B 43 -21.77 6.27 22.04
CA HIS B 43 -21.53 5.74 23.37
C HIS B 43 -21.24 4.22 23.27
N LEU B 44 -22.06 3.53 22.50
CA LEU B 44 -21.84 2.11 22.30
C LEU B 44 -20.45 1.85 21.69
N LEU B 45 -20.08 2.63 20.68
CA LEU B 45 -18.76 2.47 20.08
C LEU B 45 -17.64 2.80 21.02
N ASP B 46 -17.81 3.83 21.85
CA ASP B 46 -16.73 4.25 22.70
C ASP B 46 -16.42 3.22 23.75
N ILE B 47 -17.43 2.46 24.21
CA ILE B 47 -17.19 1.42 25.22
C ILE B 47 -16.85 0.07 24.57
N GLN B 48 -16.74 0.08 23.25
CA GLN B 48 -16.34 -1.08 22.46
C GLN B 48 -17.36 -2.18 22.52
N ALA B 49 -18.63 -1.78 22.64
CA ALA B 49 -19.78 -2.69 22.53
C ALA B 49 -20.15 -2.92 21.05
N TYR B 50 -19.21 -3.51 20.35
CA TYR B 50 -19.35 -3.66 18.90
C TYR B 50 -20.50 -4.57 18.46
N ARG B 51 -20.73 -5.66 19.16
CA ARG B 51 -21.86 -6.51 18.84
C ARG B 51 -23.19 -5.77 19.06
N ALA B 52 -23.30 -5.05 20.18
CA ALA B 52 -24.49 -4.23 20.48
C ALA B 52 -24.69 -3.18 19.43
N TRP B 53 -23.60 -2.56 18.97
CA TRP B 53 -23.71 -1.56 17.92
C TRP B 53 -24.31 -2.19 16.66
N LEU B 54 -23.77 -3.34 16.27
CA LEU B 54 -24.26 -4.04 15.09
C LEU B 54 -25.76 -4.38 15.24
N GLU B 55 -26.15 -4.84 16.42
CA GLU B 55 -27.51 -5.31 16.65
C GLU B 55 -28.53 -4.21 16.84
N HIS B 56 -28.10 -3.13 17.45
CA HIS B 56 -29.00 -2.05 17.79
C HIS B 56 -28.96 -0.86 16.82
N CYS B 57 -27.84 -0.70 16.11
CA CYS B 57 -27.69 0.49 15.31
C CYS B 57 -27.52 0.32 13.82
N VAL B 58 -27.21 -0.90 13.35
CA VAL B 58 -26.82 -1.12 11.94
C VAL B 58 -27.81 -2.01 11.20
N GLY B 59 -28.35 -1.51 10.10
CA GLY B 59 -29.33 -2.27 9.33
C GLY B 59 -28.72 -3.36 8.47
N SER B 60 -29.51 -4.39 8.16
CA SER B 60 -29.03 -5.48 7.33
C SER B 60 -28.63 -5.01 5.93
N GLU B 61 -29.18 -3.91 5.42
CA GLU B 61 -28.89 -3.45 4.07
C GLU B 61 -27.79 -2.40 4.03
N VAL B 62 -27.08 -2.23 5.14
CA VAL B 62 -26.10 -1.16 5.25
C VAL B 62 -24.97 -1.16 4.23
N GLN B 63 -24.57 0.06 3.84
CA GLN B 63 -23.33 0.29 3.08
C GLN B 63 -22.56 1.29 3.96
N TYR B 64 -21.42 0.86 4.46
CA TYR B 64 -20.59 1.68 5.34
C TYR B 64 -19.33 2.01 4.56
N GLN B 65 -19.22 3.26 4.10
CA GLN B 65 -18.20 3.62 3.11
C GLN B 65 -17.39 4.84 3.52
N VAL B 66 -16.07 4.67 3.48
CA VAL B 66 -15.14 5.75 3.78
C VAL B 66 -14.16 5.77 2.60
N ILE B 67 -14.11 6.87 1.86
CA ILE B 67 -13.20 6.99 0.72
C ILE B 67 -12.02 7.91 0.97
N SER B 68 -10.97 7.69 0.18
CA SER B 68 -9.79 8.55 0.12
C SER B 68 -9.68 8.99 -1.35
N ARG B 69 -9.80 10.29 -1.62
CA ARG B 69 -9.74 10.80 -3.01
C ARG B 69 -8.32 11.20 -3.37
N GLU B 70 -7.90 10.84 -4.58
CA GLU B 70 -6.60 11.23 -5.06
C GLU B 70 -6.58 12.77 -5.25
N LEU B 71 -5.45 13.38 -4.94
CA LEU B 71 -5.26 14.81 -5.15
C LEU B 71 -5.07 15.12 -6.64
N ARG B 72 -5.99 15.93 -7.17
CA ARG B 72 -5.97 16.30 -8.57
C ARG B 72 -6.06 17.81 -8.69
N ALA B 73 -5.66 18.32 -9.85
CA ALA B 73 -5.67 19.74 -10.04
C ALA B 73 -7.09 20.24 -10.07
N ALA B 74 -7.31 21.41 -9.48
CA ALA B 74 -8.64 21.99 -9.46
C ALA B 74 -9.10 22.25 -10.92
N SER B 75 -8.14 22.47 -11.81
CA SER B 75 -8.42 22.74 -13.23
C SER B 75 -8.37 21.50 -14.11
N GLU B 76 -8.26 20.32 -13.51
CA GLU B 76 -8.22 19.06 -14.27
C GLU B 76 -9.53 18.78 -14.97
N ARG B 77 -9.47 18.13 -16.13
CA ARG B 77 -10.69 17.84 -16.85
C ARG B 77 -10.52 16.75 -17.89
N ARG B 78 -9.27 16.30 -18.07
CA ARG B 78 -9.00 15.23 -19.02
C ARG B 78 -8.76 13.88 -18.36
N TYR B 79 -8.01 13.86 -17.27
CA TYR B 79 -7.65 12.61 -16.62
C TYR B 79 -8.88 11.98 -15.97
N LYS B 80 -9.30 10.83 -16.48
CA LYS B 80 -10.53 10.15 -16.05
C LYS B 80 -10.25 8.70 -15.70
N LEU B 81 -9.64 8.49 -14.55
CA LEU B 81 -9.40 7.18 -14.02
C LEU B 81 -9.86 7.26 -12.59
N ASN B 82 -10.02 6.09 -11.99
CA ASN B 82 -10.48 5.99 -10.61
C ASN B 82 -10.10 7.17 -9.71
N GLU B 83 -11.09 7.93 -9.26
CA GLU B 83 -10.88 9.14 -8.46
C GLU B 83 -10.66 8.92 -6.99
N ALA B 84 -11.15 7.81 -6.48
CA ALA B 84 -11.02 7.52 -5.06
C ALA B 84 -10.76 6.04 -4.87
N MET B 85 -10.62 5.67 -3.63
CA MET B 85 -10.46 4.31 -3.25
C MET B 85 -11.21 4.16 -1.97
N ASN B 86 -11.62 2.94 -1.67
CA ASN B 86 -12.41 2.66 -0.49
C ASN B 86 -11.60 2.16 0.68
N VAL B 87 -11.44 3.02 1.69
CA VAL B 87 -10.82 2.57 2.92
C VAL B 87 -11.79 1.57 3.57
N TYR B 88 -13.08 1.90 3.55
CA TYR B 88 -14.16 1.00 3.95
C TYR B 88 -15.22 1.03 2.83
N ASN B 89 -15.84 -0.12 2.54
CA ASN B 89 -16.99 -0.19 1.64
C ASN B 89 -17.67 -1.48 2.03
N GLU B 90 -18.25 -1.47 3.23
CA GLU B 90 -18.73 -2.68 3.86
C GLU B 90 -20.23 -2.90 3.87
N ASN B 91 -20.59 -4.16 3.60
CA ASN B 91 -21.95 -4.60 3.85
C ASN B 91 -22.00 -5.13 5.29
N PHE B 92 -23.18 -5.59 5.71
CA PHE B 92 -23.37 -6.05 7.08
C PHE B 92 -22.43 -7.18 7.43
N GLN B 93 -22.33 -8.17 6.55
CA GLN B 93 -21.46 -9.28 6.84
C GLN B 93 -19.99 -8.88 6.98
N GLN B 94 -19.55 -7.88 6.21
CA GLN B 94 -18.18 -7.42 6.24
C GLN B 94 -17.95 -6.66 7.57
N LEU B 95 -18.95 -5.89 8.01
CA LEU B 95 -18.85 -5.26 9.33
C LEU B 95 -18.77 -6.31 10.41
N LYS B 96 -19.59 -7.37 10.29
CA LYS B 96 -19.56 -8.44 11.27
C LYS B 96 -18.17 -9.09 11.36
N VAL B 97 -17.51 -9.29 10.22
CA VAL B 97 -16.14 -9.85 10.20
C VAL B 97 -15.21 -8.92 10.98
N ARG B 98 -15.36 -7.62 10.77
CA ARG B 98 -14.52 -6.64 11.49
C ARG B 98 -14.77 -6.66 12.99
N VAL B 99 -16.03 -6.83 13.39
CA VAL B 99 -16.41 -6.91 14.80
C VAL B 99 -15.85 -8.20 15.41
N GLU B 100 -15.91 -9.32 14.69
CA GLU B 100 -15.36 -10.56 15.23
C GLU B 100 -13.84 -10.43 15.42
N HIS B 101 -13.17 -9.78 14.49
CA HIS B 101 -11.76 -9.53 14.60
C HIS B 101 -11.44 -8.69 15.84
N GLN B 102 -12.25 -7.67 16.11
CA GLN B 102 -12.05 -6.86 17.29
C GLN B 102 -12.22 -7.66 18.55
N LEU B 103 -13.12 -8.63 18.54
CA LEU B 103 -13.42 -9.33 19.81
C LEU B 103 -12.62 -10.60 20.06
N ASP B 104 -11.82 -11.01 19.08
CA ASP B 104 -11.06 -12.24 19.20
C ASP B 104 -10.00 -12.03 20.26
N PRO B 105 -9.89 -13.00 21.16
CA PRO B 105 -8.88 -12.93 22.22
C PRO B 105 -7.46 -13.05 21.72
N GLN B 106 -7.25 -13.43 20.47
CA GLN B 106 -5.90 -13.42 19.91
C GLN B 106 -5.65 -12.18 19.07
N ASN B 107 -6.52 -11.18 19.19
CA ASN B 107 -6.20 -9.90 18.57
C ASN B 107 -5.23 -9.26 19.53
N TRP B 108 -3.94 -9.47 19.31
CA TRP B 108 -2.92 -9.05 20.27
C TRP B 108 -2.86 -7.54 20.42
N GLY B 109 -3.23 -6.83 19.37
CA GLY B 109 -3.17 -5.39 19.39
C GLY B 109 -4.22 -4.77 20.32
N ASN B 110 -5.21 -5.54 20.73
CA ASN B 110 -6.24 -5.04 21.68
C ASN B 110 -5.91 -5.28 23.14
N SER B 111 -4.68 -5.65 23.45
CA SER B 111 -4.23 -5.85 24.83
C SER B 111 -2.92 -5.12 24.98
N PRO B 112 -2.84 -4.14 25.88
CA PRO B 112 -3.92 -3.69 26.75
C PRO B 112 -5.09 -2.99 26.02
N LYS B 113 -6.25 -3.01 26.65
CA LYS B 113 -7.45 -2.39 26.05
C LYS B 113 -7.25 -0.96 25.56
N LEU B 114 -7.75 -0.71 24.36
CA LEU B 114 -7.73 0.61 23.77
C LEU B 114 -8.72 1.51 24.49
N ARG B 115 -8.54 2.81 24.33
CA ARG B 115 -9.49 3.78 24.88
C ARG B 115 -9.95 4.70 23.75
N PHE B 116 -11.26 4.77 23.57
CA PHE B 116 -11.90 5.61 22.57
C PHE B 116 -12.78 6.69 23.20
N THR B 117 -12.73 7.88 22.64
CA THR B 117 -13.62 8.97 23.02
C THR B 117 -14.07 9.67 21.73
N ARG B 118 -15.36 9.74 21.53
CA ARG B 118 -15.94 10.37 20.32
C ARG B 118 -16.69 11.65 20.62
N PHE B 119 -16.57 12.63 19.75
CA PHE B 119 -17.26 13.91 19.91
C PHE B 119 -18.07 14.14 18.66
N ILE B 120 -19.40 14.14 18.80
CA ILE B 120 -20.29 14.30 17.65
C ILE B 120 -20.90 15.71 17.70
N THR B 121 -20.80 16.43 16.60
CA THR B 121 -21.32 17.79 16.55
C THR B 121 -21.99 18.11 15.21
N ASN B 122 -22.58 19.30 15.14
CA ASN B 122 -23.11 19.80 13.87
C ASN B 122 -24.17 18.87 13.24
N VAL B 123 -25.05 18.35 14.07
CA VAL B 123 -26.08 17.41 13.61
C VAL B 123 -27.16 18.14 12.83
N GLN B 124 -27.48 17.61 11.65
CA GLN B 124 -28.58 18.09 10.83
C GLN B 124 -29.38 16.89 10.36
N ALA B 125 -30.69 17.05 10.24
CA ALA B 125 -31.53 15.93 9.83
C ALA B 125 -32.64 16.37 8.89
N ALA B 126 -32.91 15.55 7.89
CA ALA B 126 -34.00 15.80 6.93
C ALA B 126 -34.58 14.51 6.40
N MET B 127 -35.92 14.41 6.39
CA MET B 127 -36.55 13.23 5.84
C MET B 127 -36.31 13.08 4.34
N ASP B 128 -36.19 11.84 3.89
CA ASP B 128 -36.07 11.58 2.47
C ASP B 128 -37.40 11.93 1.82
N VAL B 129 -37.33 12.54 0.63
CA VAL B 129 -38.50 13.00 -0.09
C VAL B 129 -39.33 11.86 -0.65
N ASN B 130 -38.66 10.76 -1.00
CA ASN B 130 -39.31 9.65 -1.68
C ASN B 130 -39.60 8.45 -0.81
N ASP B 131 -38.70 8.10 0.09
CA ASP B 131 -38.87 6.94 0.94
C ASP B 131 -39.12 7.39 2.38
N LYS B 132 -40.36 7.30 2.84
CA LYS B 132 -40.68 7.75 4.18
C LYS B 132 -40.11 6.92 5.31
N GLU B 133 -39.42 5.82 5.03
CA GLU B 133 -38.78 5.08 6.10
C GLU B 133 -37.41 5.67 6.38
N LEU B 134 -36.96 6.57 5.53
CA LEU B 134 -35.55 7.03 5.58
C LEU B 134 -35.28 8.47 5.99
N LEU B 135 -34.33 8.62 6.89
CA LEU B 135 -33.94 9.93 7.37
C LEU B 135 -32.49 10.21 6.98
N HIS B 136 -32.23 11.39 6.40
CA HIS B 136 -30.86 11.83 6.14
C HIS B 136 -30.35 12.53 7.39
N ILE B 137 -29.17 12.13 7.83
CA ILE B 137 -28.52 12.76 8.98
C ILE B 137 -27.10 13.10 8.63
N ARG B 138 -26.73 14.35 8.85
CA ARG B 138 -25.35 14.77 8.67
C ARG B 138 -24.78 15.09 10.03
N SER B 139 -23.54 14.69 10.30
CA SER B 139 -22.88 15.05 11.55
C SER B 139 -21.37 15.02 11.36
N ASN B 140 -20.65 15.69 12.24
CA ASN B 140 -19.18 15.70 12.19
C ASN B 140 -18.68 14.97 13.43
N VAL B 141 -17.56 14.27 13.29
CA VAL B 141 -17.00 13.50 14.39
C VAL B 141 -15.52 13.81 14.60
N ILE B 142 -15.14 13.94 15.87
CA ILE B 142 -13.74 13.93 16.26
C ILE B 142 -13.62 12.62 17.02
N LEU B 143 -12.67 11.77 16.65
CA LEU B 143 -12.52 10.50 17.33
C LEU B 143 -11.09 10.41 17.89
N HIS B 144 -10.99 10.18 19.19
CA HIS B 144 -9.70 10.07 19.85
C HIS B 144 -9.46 8.69 20.33
N ARG B 145 -8.33 8.15 19.85
CA ARG B 145 -7.85 6.83 20.18
C ARG B 145 -6.53 7.00 21.03
N ALA B 146 -6.43 6.17 22.07
CA ALA B 146 -5.29 6.20 22.94
C ALA B 146 -4.95 4.82 23.31
N ARG B 147 -3.71 4.41 23.06
CA ARG B 147 -3.29 3.04 23.38
C ARG B 147 -1.80 2.99 23.73
N ARG B 148 -1.46 1.95 24.48
CA ARG B 148 -0.07 1.62 24.78
C ARG B 148 0.76 2.73 25.35
N GLY B 149 0.17 3.45 26.29
CA GLY B 149 0.86 4.47 27.03
C GLY B 149 1.00 5.82 26.37
N ASN B 150 1.60 5.86 25.19
CA ASN B 150 1.86 7.15 24.56
C ASN B 150 1.47 7.25 23.08
N GLN B 151 0.59 6.35 22.62
CA GLN B 151 0.07 6.43 21.26
C GLN B 151 -1.28 7.16 21.33
N VAL B 152 -1.41 8.24 20.56
CA VAL B 152 -2.62 9.03 20.51
C VAL B 152 -2.91 9.43 19.08
N ASP B 153 -4.08 9.03 18.59
CA ASP B 153 -4.47 9.33 17.22
C ASP B 153 -5.83 9.97 17.25
N VAL B 154 -5.92 11.11 16.58
CA VAL B 154 -7.16 11.86 16.52
C VAL B 154 -7.62 11.91 15.03
N PHE B 155 -8.87 11.53 14.81
CA PHE B 155 -9.54 11.49 13.51
C PHE B 155 -10.62 12.57 13.42
N TYR B 156 -10.77 13.17 12.24
CA TYR B 156 -11.76 14.21 12.00
C TYR B 156 -12.50 13.98 10.73
N ALA B 157 -13.83 14.05 10.76
CA ALA B 157 -14.56 13.84 9.53
C ALA B 157 -16.02 14.27 9.59
N ALA B 158 -16.59 14.40 8.39
CA ALA B 158 -18.01 14.69 8.26
C ALA B 158 -18.63 13.41 7.76
N ARG B 159 -19.82 13.08 8.30
CA ARG B 159 -20.53 11.84 7.95
C ARG B 159 -21.89 12.14 7.30
N GLU B 160 -22.13 11.54 6.14
CA GLU B 160 -23.42 11.66 5.46
C GLU B 160 -24.13 10.31 5.64
N ASP B 161 -25.14 10.29 6.48
CA ASP B 161 -25.87 9.05 6.84
C ASP B 161 -27.30 9.02 6.30
N LYS B 162 -27.81 7.79 6.21
CA LYS B 162 -29.20 7.48 5.90
C LYS B 162 -29.56 6.44 6.96
N TRP B 163 -30.61 6.69 7.73
CA TRP B 163 -31.06 5.80 8.78
C TRP B 163 -32.53 5.46 8.46
N LYS B 164 -32.89 4.22 8.73
CA LYS B 164 -34.27 3.75 8.55
C LYS B 164 -34.98 3.74 9.89
N ARG B 165 -36.30 3.93 9.85
CA ARG B 165 -37.09 3.96 11.08
C ARG B 165 -37.02 2.67 11.85
N GLY B 166 -36.92 1.56 11.13
CA GLY B 166 -36.84 0.27 11.78
C GLY B 166 -38.17 -0.15 12.41
N GLU B 167 -38.09 -1.03 13.40
CA GLU B 167 -39.25 -1.49 14.17
C GLU B 167 -39.07 -1.13 15.64
N GLY B 168 -40.15 -0.83 16.34
CA GLY B 168 -40.04 -0.58 17.76
C GLY B 168 -39.27 0.65 18.17
N GLY B 169 -39.13 1.61 17.26
CA GLY B 169 -38.36 2.81 17.55
C GLY B 169 -36.86 2.60 17.46
N VAL B 170 -36.42 1.47 16.93
CA VAL B 170 -35.00 1.21 16.85
C VAL B 170 -34.51 1.59 15.46
N ARG B 171 -33.96 2.80 15.35
CA ARG B 171 -33.50 3.31 14.06
C ARG B 171 -32.20 2.67 13.75
N LYS B 172 -32.00 2.39 12.47
CA LYS B 172 -30.81 1.68 12.06
C LYS B 172 -30.15 2.30 10.84
N LEU B 173 -28.84 2.30 10.88
CA LEU B 173 -28.07 2.88 9.83
C LEU B 173 -28.15 2.04 8.55
N VAL B 174 -28.52 2.68 7.45
CA VAL B 174 -28.51 1.97 6.16
C VAL B 174 -27.43 2.45 5.20
N GLN B 175 -26.88 3.63 5.45
CA GLN B 175 -25.75 4.09 4.64
C GLN B 175 -24.97 5.12 5.46
N ARG B 176 -23.64 4.98 5.48
CA ARG B 176 -22.78 6.01 6.03
C ARG B 176 -21.75 6.25 4.95
N PHE B 177 -21.56 7.51 4.59
CA PHE B 177 -20.55 7.93 3.63
C PHE B 177 -19.65 9.00 4.24
N VAL B 178 -18.35 8.74 4.18
CA VAL B 178 -17.32 9.68 4.62
C VAL B 178 -16.27 9.84 3.52
N ASP B 179 -15.98 11.08 3.15
CA ASP B 179 -14.89 11.42 2.25
C ASP B 179 -13.77 11.90 3.20
N TYR B 180 -12.81 11.03 3.49
CA TYR B 180 -11.84 11.32 4.57
C TYR B 180 -10.97 12.51 4.20
N PRO B 181 -10.85 13.52 5.06
CA PRO B 181 -10.16 14.74 4.61
C PRO B 181 -8.64 14.71 4.50
N GLU B 182 -7.95 13.85 5.21
CA GLU B 182 -6.51 13.74 5.09
C GLU B 182 -6.14 12.66 4.06
N ARG B 183 -5.41 13.07 2.99
CA ARG B 183 -5.03 12.08 1.96
C ARG B 183 -3.99 11.05 2.49
N ILE B 184 -2.97 11.49 3.23
CA ILE B 184 -1.96 10.59 3.79
C ILE B 184 -2.25 10.50 5.29
N LEU B 185 -2.65 9.34 5.79
CA LEU B 185 -3.01 9.24 7.20
C LEU B 185 -1.77 9.34 8.08
N GLN B 186 -1.88 10.05 9.21
CA GLN B 186 -0.78 10.14 10.19
C GLN B 186 -1.21 9.63 11.52
N THR B 187 -2.09 8.63 11.47
CA THR B 187 -2.67 7.98 12.63
C THR B 187 -2.37 6.46 12.71
N HIS B 188 -1.29 6.02 12.05
CA HIS B 188 -0.89 4.61 11.97
C HIS B 188 -1.80 3.76 11.07
N ASN B 189 -3.10 3.99 11.16
CA ASN B 189 -4.08 3.29 10.35
C ASN B 189 -5.42 4.04 10.51
N LEU B 190 -6.44 3.52 9.83
CA LEU B 190 -7.80 4.07 9.95
C LEU B 190 -8.74 3.00 10.48
N MET B 191 -8.21 2.10 11.30
CA MET B 191 -9.00 0.97 11.81
C MET B 191 -9.95 1.41 12.97
N VAL B 192 -10.77 2.42 12.71
CA VAL B 192 -11.73 2.89 13.70
C VAL B 192 -13.06 3.02 12.99
N PHE B 193 -14.17 2.92 13.73
CA PHE B 193 -15.46 3.11 13.09
C PHE B 193 -15.86 4.57 13.24
N LEU B 194 -15.83 5.30 12.14
CA LEU B 194 -16.25 6.68 12.14
C LEU B 194 -17.79 6.77 12.17
FE1 FES C . 11.33 30.41 -9.75
FE2 FES C . 10.26 28.01 -10.13
S1 FES C . 10.13 29.78 -11.47
S2 FES C . 11.37 28.67 -8.33
C1 EDO D . 17.35 8.38 -3.57
O1 EDO D . 17.71 9.43 -4.45
C2 EDO D . 17.42 8.86 -2.12
O2 EDO D . 16.26 9.63 -1.84
C1 EDO E . 17.56 -8.28 18.77
O1 EDO E . 17.64 -7.20 19.69
C2 EDO E . 17.32 -9.62 19.45
O2 EDO E . 18.38 -9.98 20.34
C1 EDO F . -1.25 8.21 -5.99
O1 EDO F . -2.01 9.12 -5.21
C2 EDO F . 0.20 8.59 -6.12
O2 EDO F . 0.45 9.18 -7.39
N1 IND G . 4.18 -13.03 3.96
C2 IND G . 3.81 -11.71 4.19
C3 IND G . 2.45 -11.56 3.97
C4 IND G . 0.71 -13.24 3.29
C5 IND G . 0.50 -14.56 2.96
C6 IND G . 1.56 -15.46 2.93
C7 IND G . 2.87 -15.11 3.26
C8 IND G . 3.12 -13.79 3.61
C9 IND G . 1.99 -12.86 3.61
N NO H . 0.95 -11.02 6.49
O NO H . 0.18 -11.72 5.78
FE FE I . 1.41 -10.17 7.89
C1 EDO J . -13.11 -0.67 13.18
O1 EDO J . -12.00 -0.69 12.30
C2 EDO J . -12.71 -1.29 14.51
O2 EDO J . -12.07 -0.35 15.35
C1 EDO K . -19.71 -6.69 -2.49
O1 EDO K . -18.68 -7.05 -1.56
C2 EDO K . -21.08 -7.07 -1.98
O2 EDO K . -21.67 -6.03 -1.23
S SO4 L . -20.49 3.51 -4.96
O1 SO4 L . -19.16 3.89 -4.47
O2 SO4 L . -21.10 2.48 -4.11
O3 SO4 L . -21.36 4.69 -4.98
O4 SO4 L . -20.37 3.00 -6.34
S SO4 M . -32.45 -5.35 10.55
O1 SO4 M . -33.15 -4.80 11.70
O2 SO4 M . -31.27 -6.08 11.00
O3 SO4 M . -33.30 -6.30 9.86
O4 SO4 M . -32.10 -4.31 9.61
S SO4 N . -41.63 5.80 14.01
O1 SO4 N . -40.86 6.57 13.03
O2 SO4 N . -41.38 6.38 15.33
O3 SO4 N . -43.05 5.90 13.74
O4 SO4 N . -41.26 4.40 14.00
#